data_2DPN
#
_entry.id   2DPN
#
_cell.length_a   67.991
_cell.length_b   90.506
_cell.length_c   182.985
_cell.angle_alpha   90.00
_cell.angle_beta   90.00
_cell.angle_gamma   90.00
#
_symmetry.space_group_name_H-M   'P 21 21 21'
#
loop_
_entity.id
_entity.type
_entity.pdbx_description
1 polymer 'Glycerol kinase'
2 water water
#
_entity_poly.entity_id   1
_entity_poly.type   'polypeptide(L)'
_entity_poly.pdbx_seq_one_letter_code
;MAFLLALDQGTTSSRAILFTLEGRPVAVAKREFRQLYPKPGWVEHDPLEIWETTLWAAREVLRRAGAEAGEVLALGITNQ
RETTLLWDRKTGKPLHNAIVWQDRRTTPLCEALRAKGLEPLFRERTGLLFDPYFSGTKLVWLLENVPGLKARAEGGGVAF
GTVDTWLIWNLTGGKVHATDPTNASRTLLFNLHTLAWDPELLEALGIPAALLPEVRPSDGDFGETLPELLGAPVPIRGVL
GDQQAALFGQAALGGGEGKCTYGTGAFLLLNTGKRPVLSEKGLLATVAWSLGGRATYALEGSLFVAGAAVGWLKEVGLIR
ESAEVEALAASVEDTGDVYFVPAFTGLGAPYWDPYARGTLLGLTRGTSRAHLARAALEGVAFQVRDVVLAMEEEAGVRLK
VLKADGGMAQNRLFLKIQADLLGVPVAVPEVTETTALGAALMAGVGAGALSPEDVAGRFREAERFLPTMPEGRREALYRR
WREAVERAKGWAREG
;
_entity_poly.pdbx_strand_id   A,B
#
# COMPACT_ATOMS: atom_id res chain seq x y z
N PHE A 3 -24.52 41.76 13.31
CA PHE A 3 -24.16 40.41 12.91
C PHE A 3 -23.75 40.33 11.45
N LEU A 4 -22.71 39.52 11.22
CA LEU A 4 -22.36 39.13 9.87
C LEU A 4 -22.56 37.62 9.69
N LEU A 5 -23.40 37.23 8.73
CA LEU A 5 -23.72 35.83 8.49
C LEU A 5 -22.92 35.28 7.32
N ALA A 6 -22.35 34.09 7.53
CA ALA A 6 -21.53 33.45 6.52
C ALA A 6 -22.01 32.07 6.17
N LEU A 7 -22.11 31.79 4.87
CA LEU A 7 -22.52 30.51 4.36
C LEU A 7 -21.33 29.84 3.67
N ASP A 8 -20.83 28.78 4.29
CA ASP A 8 -19.69 28.03 3.77
C ASP A 8 -20.24 26.72 3.19
N GLN A 9 -20.39 26.67 1.88
CA GLN A 9 -20.93 25.48 1.25
C GLN A 9 -19.77 24.60 0.79
N GLY A 10 -19.33 23.73 1.69
CA GLY A 10 -18.20 22.85 1.42
C GLY A 10 -18.44 21.62 0.56
N THR A 11 -17.43 20.77 0.51
CA THR A 11 -17.53 19.56 -0.29
C THR A 11 -18.34 18.47 0.36
N THR A 12 -18.20 18.35 1.68
CA THR A 12 -18.89 17.35 2.47
C THR A 12 -20.17 17.83 3.12
N SER A 13 -20.18 19.08 3.58
CA SER A 13 -21.33 19.65 4.26
C SER A 13 -21.54 21.15 4.03
N SER A 14 -22.68 21.64 4.49
CA SER A 14 -23.00 23.05 4.38
C SER A 14 -23.00 23.59 5.78
N ARG A 15 -22.09 24.54 6.04
CA ARG A 15 -21.97 25.16 7.34
C ARG A 15 -22.58 26.54 7.28
N ALA A 16 -22.86 27.09 8.45
CA ALA A 16 -23.39 28.44 8.59
C ALA A 16 -22.86 28.97 9.91
N ILE A 17 -22.25 30.16 9.86
CA ILE A 17 -21.70 30.79 11.05
C ILE A 17 -22.21 32.22 11.14
N LEU A 18 -22.53 32.64 12.36
CA LEU A 18 -23.01 33.98 12.61
C LEU A 18 -21.93 34.67 13.44
N PHE A 19 -21.30 35.68 12.87
CA PHE A 19 -20.23 36.41 13.54
C PHE A 19 -20.68 37.79 14.01
N THR A 20 -19.86 38.40 14.88
CA THR A 20 -20.13 39.74 15.38
C THR A 20 -19.33 40.59 14.41
N LEU A 21 -19.63 41.88 14.31
CA LEU A 21 -18.89 42.74 13.38
C LEU A 21 -17.39 42.70 13.60
N GLU A 22 -16.97 42.23 14.78
CA GLU A 22 -15.55 42.15 15.10
C GLU A 22 -14.92 40.78 14.85
N GLY A 23 -15.54 40.00 13.97
CA GLY A 23 -15.02 38.68 13.62
C GLY A 23 -14.97 37.63 14.71
N ARG A 24 -15.99 37.59 15.56
CA ARG A 24 -16.07 36.64 16.65
C ARG A 24 -17.34 35.79 16.46
N PRO A 25 -17.19 34.46 16.37
CA PRO A 25 -18.33 33.56 16.16
C PRO A 25 -19.35 33.55 17.29
N VAL A 26 -20.63 33.47 16.94
CA VAL A 26 -21.72 33.45 17.90
C VAL A 26 -22.43 32.09 17.93
N ALA A 27 -22.57 31.47 16.76
CA ALA A 27 -23.23 30.19 16.68
C ALA A 27 -22.81 29.51 15.39
N VAL A 28 -22.99 28.19 15.33
CA VAL A 28 -22.62 27.45 14.15
C VAL A 28 -23.63 26.36 13.85
N ALA A 29 -23.91 26.15 12.56
CA ALA A 29 -24.85 25.11 12.14
C ALA A 29 -24.19 24.38 10.99
N LYS A 30 -24.12 23.06 11.09
CA LYS A 30 -23.48 22.25 10.07
C LYS A 30 -24.24 20.97 9.73
N ARG A 31 -24.51 20.76 8.46
CA ARG A 31 -25.22 19.55 8.04
C ARG A 31 -24.59 18.95 6.79
N GLU A 32 -24.53 17.63 6.74
CA GLU A 32 -23.93 16.94 5.61
C GLU A 32 -24.92 16.61 4.51
N PHE A 33 -24.38 16.31 3.33
CA PHE A 33 -25.18 15.89 2.20
C PHE A 33 -24.50 14.69 1.55
N ARG A 34 -25.28 13.92 0.81
CA ARG A 34 -24.82 12.71 0.15
C ARG A 34 -23.79 12.95 -0.94
N GLN A 35 -22.70 12.18 -0.87
CA GLN A 35 -21.65 12.25 -1.88
C GLN A 35 -21.97 11.15 -2.88
N LEU A 36 -22.12 11.52 -4.15
CA LEU A 36 -22.46 10.53 -5.17
C LEU A 36 -21.26 10.09 -6.00
N TYR A 37 -21.08 8.77 -6.11
CA TYR A 37 -19.98 8.16 -6.86
C TYR A 37 -20.51 7.21 -7.93
N PRO A 38 -21.01 7.75 -9.05
CA PRO A 38 -21.57 6.94 -10.15
C PRO A 38 -20.66 5.87 -10.71
N LYS A 39 -19.41 6.24 -11.01
CA LYS A 39 -18.39 5.32 -11.53
C LYS A 39 -17.12 5.62 -10.74
N PRO A 40 -16.12 4.73 -10.82
CA PRO A 40 -14.90 5.02 -10.06
C PRO A 40 -14.21 6.27 -10.59
N GLY A 41 -13.94 7.20 -9.68
CA GLY A 41 -13.30 8.45 -10.05
C GLY A 41 -14.32 9.54 -10.38
N TRP A 42 -15.59 9.19 -10.38
CA TRP A 42 -16.64 10.14 -10.66
C TRP A 42 -17.22 10.63 -9.33
N VAL A 43 -17.47 11.94 -9.24
CA VAL A 43 -17.98 12.54 -8.01
C VAL A 43 -19.12 13.53 -8.29
N GLU A 44 -20.30 13.27 -7.73
CA GLU A 44 -21.39 14.21 -7.99
C GLU A 44 -22.12 14.64 -6.69
N HIS A 45 -22.81 15.80 -6.80
CA HIS A 45 -23.65 16.33 -5.75
C HIS A 45 -25.08 16.47 -6.24
N ASP A 46 -26.04 16.25 -5.35
CA ASP A 46 -27.39 16.67 -5.68
C ASP A 46 -27.53 18.17 -5.41
N PRO A 47 -27.79 18.98 -6.44
CA PRO A 47 -27.90 20.43 -6.20
C PRO A 47 -28.92 20.79 -5.10
N LEU A 48 -30.11 20.21 -5.17
CA LEU A 48 -31.15 20.48 -4.17
C LEU A 48 -30.67 20.25 -2.75
N GLU A 49 -30.04 19.09 -2.54
CA GLU A 49 -29.55 18.74 -1.23
C GLU A 49 -28.59 19.82 -0.78
N ILE A 50 -27.75 20.29 -1.71
CA ILE A 50 -26.78 21.33 -1.42
C ILE A 50 -27.47 22.62 -1.01
N TRP A 51 -28.48 23.00 -1.78
CA TRP A 51 -29.24 24.20 -1.48
C TRP A 51 -29.99 24.08 -0.15
N GLU A 52 -30.81 23.05 -0.04
CA GLU A 52 -31.62 22.81 1.15
C GLU A 52 -30.87 22.73 2.47
N THR A 53 -29.66 22.21 2.45
CA THR A 53 -28.90 22.11 3.68
C THR A 53 -28.31 23.47 3.98
N THR A 54 -27.97 24.20 2.93
CA THR A 54 -27.41 25.53 3.15
C THR A 54 -28.51 26.36 3.79
N LEU A 55 -29.69 26.34 3.18
CA LEU A 55 -30.86 27.01 3.69
C LEU A 55 -31.12 26.61 5.14
N TRP A 56 -30.93 25.32 5.39
CA TRP A 56 -31.15 24.79 6.73
C TRP A 56 -30.15 25.35 7.73
N ALA A 57 -28.87 25.29 7.39
CA ALA A 57 -27.86 25.81 8.31
C ALA A 57 -28.08 27.30 8.63
N ALA A 58 -28.44 28.07 7.59
CA ALA A 58 -28.66 29.49 7.73
C ALA A 58 -29.75 29.77 8.75
N ARG A 59 -30.77 28.93 8.76
CA ARG A 59 -31.84 29.14 9.70
C ARG A 59 -31.44 28.70 11.09
N GLU A 60 -30.67 27.62 11.17
CA GLU A 60 -30.25 27.12 12.48
C GLU A 60 -29.30 28.01 13.25
N VAL A 61 -28.42 28.73 12.58
CA VAL A 61 -27.53 29.58 13.38
C VAL A 61 -28.38 30.70 13.93
N LEU A 62 -29.30 31.20 13.12
CA LEU A 62 -30.17 32.26 13.58
C LEU A 62 -30.95 31.82 14.81
N ARG A 63 -31.33 30.54 14.84
CA ARG A 63 -32.08 30.02 15.96
C ARG A 63 -31.18 29.89 17.19
N ARG A 64 -30.04 29.23 17.01
CA ARG A 64 -29.13 29.02 18.11
C ARG A 64 -28.57 30.27 18.75
N ALA A 65 -28.50 31.35 17.98
CA ALA A 65 -27.98 32.61 18.52
C ALA A 65 -29.10 33.45 19.10
N GLY A 66 -30.34 33.01 18.85
CA GLY A 66 -31.49 33.76 19.33
C GLY A 66 -31.57 35.06 18.56
N ALA A 67 -31.09 35.06 17.33
CA ALA A 67 -31.10 36.26 16.50
C ALA A 67 -32.15 36.19 15.40
N GLU A 68 -32.42 37.34 14.78
CA GLU A 68 -33.38 37.44 13.68
C GLU A 68 -32.74 38.12 12.48
N ALA A 69 -33.22 37.80 11.28
CA ALA A 69 -32.68 38.35 10.04
C ALA A 69 -32.35 39.84 10.07
N GLY A 70 -33.30 40.66 10.52
CA GLY A 70 -33.08 42.10 10.59
C GLY A 70 -31.79 42.47 11.28
N GLU A 71 -31.35 41.66 12.23
CA GLU A 71 -30.12 41.91 12.98
C GLU A 71 -28.85 41.67 12.17
N VAL A 72 -29.00 40.94 11.06
CA VAL A 72 -27.88 40.62 10.20
C VAL A 72 -27.61 41.77 9.24
N LEU A 73 -26.43 42.34 9.38
CA LEU A 73 -26.02 43.47 8.55
C LEU A 73 -25.86 43.02 7.11
N ALA A 74 -25.04 41.99 6.88
CA ALA A 74 -24.81 41.49 5.52
C ALA A 74 -24.49 39.99 5.53
N LEU A 75 -24.71 39.35 4.39
CA LEU A 75 -24.47 37.92 4.25
C LEU A 75 -23.31 37.67 3.28
N GLY A 76 -22.42 36.75 3.64
CA GLY A 76 -21.29 36.41 2.79
C GLY A 76 -21.28 34.96 2.36
N ILE A 77 -21.15 34.72 1.06
CA ILE A 77 -21.14 33.36 0.52
C ILE A 77 -19.70 32.90 0.29
N THR A 78 -19.45 31.61 0.53
CA THR A 78 -18.15 31.01 0.30
C THR A 78 -18.45 29.55 -0.04
N ASN A 79 -17.73 28.98 -1.02
CA ASN A 79 -18.12 27.63 -1.53
C ASN A 79 -16.93 26.75 -2.02
N GLN A 80 -17.27 25.43 -2.21
CA GLN A 80 -16.34 24.54 -2.93
C GLN A 80 -16.10 25.05 -4.34
N ARG A 81 -14.85 25.03 -4.84
CA ARG A 81 -14.53 25.95 -5.95
C ARG A 81 -14.74 25.55 -7.44
N GLU A 82 -14.78 24.27 -7.85
CA GLU A 82 -14.91 24.13 -9.33
C GLU A 82 -16.13 23.35 -9.80
N THR A 83 -16.82 22.75 -8.83
CA THR A 83 -18.02 21.98 -9.08
C THR A 83 -18.95 22.75 -10.03
N THR A 84 -19.38 22.10 -11.10
CA THR A 84 -20.23 22.68 -12.14
C THR A 84 -21.72 22.31 -12.05
N LEU A 85 -22.59 23.28 -12.32
CA LEU A 85 -24.04 23.04 -12.28
C LEU A 85 -24.70 23.75 -13.42
N LEU A 86 -25.78 23.15 -13.92
CA LEU A 86 -26.55 23.73 -14.98
C LEU A 86 -28.00 23.66 -14.60
N TRP A 87 -28.76 24.73 -14.85
CA TRP A 87 -30.16 24.72 -14.48
C TRP A 87 -31.05 25.52 -15.40
N ASP A 88 -32.34 25.19 -15.39
CA ASP A 88 -33.35 25.86 -16.21
C ASP A 88 -33.61 27.24 -15.64
N ARG A 89 -33.43 28.27 -16.46
CA ARG A 89 -33.64 29.64 -16.00
C ARG A 89 -35.09 29.90 -15.61
N LYS A 90 -36.02 29.24 -16.27
CA LYS A 90 -37.45 29.46 -16.00
C LYS A 90 -37.94 28.75 -14.72
N THR A 91 -37.50 27.52 -14.47
CA THR A 91 -37.95 26.76 -13.30
C THR A 91 -36.89 26.62 -12.21
N GLY A 92 -35.65 26.97 -12.53
CA GLY A 92 -34.58 26.87 -11.55
C GLY A 92 -34.24 25.44 -11.19
N LYS A 93 -34.77 24.50 -11.97
CA LYS A 93 -34.53 23.10 -11.71
C LYS A 93 -33.23 22.65 -12.40
N PRO A 94 -32.31 22.03 -11.65
CA PRO A 94 -31.02 21.57 -12.18
C PRO A 94 -31.31 20.55 -13.25
N LEU A 95 -30.49 20.50 -14.29
CA LEU A 95 -30.74 19.52 -15.34
C LEU A 95 -29.68 18.43 -15.48
N HIS A 96 -29.06 18.11 -14.34
CA HIS A 96 -28.03 17.08 -14.20
C HIS A 96 -27.37 17.37 -12.87
N ASN A 97 -26.92 16.34 -12.15
CA ASN A 97 -26.26 16.53 -10.87
C ASN A 97 -25.01 17.41 -11.04
N ALA A 98 -24.61 18.08 -9.98
CA ALA A 98 -23.43 18.93 -10.05
C ALA A 98 -22.16 18.07 -10.10
N ILE A 99 -21.30 18.34 -11.08
CA ILE A 99 -20.06 17.58 -11.17
C ILE A 99 -19.05 18.30 -10.27
N VAL A 100 -18.76 17.65 -9.16
CA VAL A 100 -17.83 18.15 -8.14
C VAL A 100 -16.39 18.29 -8.66
N TRP A 101 -15.60 19.12 -7.99
CA TRP A 101 -14.22 19.36 -8.35
C TRP A 101 -13.33 18.11 -8.25
N GLN A 102 -13.78 17.13 -7.50
CA GLN A 102 -13.02 15.91 -7.32
C GLN A 102 -13.18 15.00 -8.53
N ASP A 103 -14.29 15.14 -9.23
CA ASP A 103 -14.56 14.28 -10.37
C ASP A 103 -13.41 14.26 -11.36
N ARG A 104 -13.33 13.19 -12.15
CA ARG A 104 -12.24 13.06 -13.11
C ARG A 104 -12.61 12.51 -14.47
N ARG A 105 -13.91 12.30 -14.74
CA ARG A 105 -14.31 11.75 -16.03
C ARG A 105 -13.71 12.45 -17.25
N THR A 106 -13.48 13.75 -17.14
CA THR A 106 -12.94 14.55 -18.24
C THR A 106 -11.46 14.40 -18.65
N THR A 107 -10.75 13.37 -18.20
CA THR A 107 -9.33 13.26 -18.58
C THR A 107 -9.12 13.08 -20.08
N PRO A 108 -9.99 12.30 -20.75
CA PRO A 108 -9.76 12.13 -22.18
C PRO A 108 -9.85 13.46 -22.93
N LEU A 109 -10.80 14.31 -22.56
CA LEU A 109 -10.96 15.59 -23.24
C LEU A 109 -9.76 16.49 -23.00
N CYS A 110 -9.20 16.43 -21.79
CA CYS A 110 -8.04 17.25 -21.47
C CYS A 110 -6.88 16.87 -22.37
N GLU A 111 -6.68 15.57 -22.54
CA GLU A 111 -5.60 15.10 -23.36
C GLU A 111 -5.90 15.45 -24.81
N ALA A 112 -7.18 15.48 -25.16
CA ALA A 112 -7.56 15.84 -26.51
C ALA A 112 -7.31 17.32 -26.78
N LEU A 113 -7.65 18.18 -25.80
CA LEU A 113 -7.45 19.60 -25.99
C LEU A 113 -5.97 19.95 -25.96
N ARG A 114 -5.18 19.16 -25.26
CA ARG A 114 -3.75 19.40 -25.18
C ARG A 114 -3.08 19.08 -26.50
N ALA A 115 -3.69 18.16 -27.24
CA ALA A 115 -3.17 17.73 -28.55
C ALA A 115 -3.34 18.86 -29.57
N LYS A 116 -4.50 19.51 -29.57
CA LYS A 116 -4.75 20.61 -30.47
C LYS A 116 -3.78 21.75 -30.21
N GLY A 117 -2.98 21.61 -29.16
CA GLY A 117 -2.00 22.64 -28.80
C GLY A 117 -2.57 23.89 -28.15
N LEU A 118 -3.70 23.76 -27.47
CA LEU A 118 -4.36 24.89 -26.81
C LEU A 118 -3.88 25.22 -25.40
N GLU A 119 -3.25 24.27 -24.75
CA GLU A 119 -2.83 24.50 -23.37
C GLU A 119 -2.08 25.81 -23.13
N PRO A 120 -1.06 26.11 -23.95
CA PRO A 120 -0.33 27.37 -23.74
C PRO A 120 -1.26 28.58 -23.66
N LEU A 121 -2.10 28.74 -24.68
CA LEU A 121 -3.06 29.84 -24.75
C LEU A 121 -3.87 30.02 -23.48
N PHE A 122 -4.45 28.93 -23.01
CA PHE A 122 -5.26 28.93 -21.80
C PHE A 122 -4.42 29.18 -20.55
N ARG A 123 -3.22 28.63 -20.53
CA ARG A 123 -2.36 28.79 -19.37
C ARG A 123 -1.99 30.24 -19.09
N GLU A 124 -1.85 31.05 -20.14
CA GLU A 124 -1.48 32.45 -19.96
C GLU A 124 -2.66 33.40 -19.82
N ARG A 125 -3.88 32.92 -20.08
CA ARG A 125 -5.05 33.76 -19.95
C ARG A 125 -5.77 33.48 -18.62
N THR A 126 -5.85 32.20 -18.25
CA THR A 126 -6.55 31.82 -17.02
C THR A 126 -5.62 31.56 -15.85
N GLY A 127 -4.41 31.12 -16.16
CA GLY A 127 -3.45 30.83 -15.10
C GLY A 127 -3.62 29.42 -14.59
N LEU A 128 -4.39 28.63 -15.33
CA LEU A 128 -4.66 27.25 -14.98
C LEU A 128 -3.88 26.31 -15.90
N LEU A 129 -4.52 25.22 -16.32
CA LEU A 129 -3.93 24.24 -17.22
C LEU A 129 -5.05 23.26 -17.47
N PHE A 130 -4.87 22.33 -18.39
CA PHE A 130 -5.92 21.36 -18.63
C PHE A 130 -5.80 20.22 -17.62
N ASP A 131 -6.90 19.93 -16.97
CA ASP A 131 -6.97 18.88 -15.98
C ASP A 131 -8.42 18.81 -15.50
N PRO A 132 -8.98 17.60 -15.40
CA PRO A 132 -10.36 17.36 -14.98
C PRO A 132 -10.85 18.28 -13.87
N TYR A 133 -9.93 18.64 -12.99
CA TYR A 133 -10.19 19.53 -11.86
C TYR A 133 -11.08 20.74 -12.17
N PHE A 134 -10.67 21.57 -13.12
CA PHE A 134 -11.43 22.77 -13.46
C PHE A 134 -12.78 22.50 -14.12
N SER A 135 -13.70 23.43 -13.93
CA SER A 135 -15.06 23.30 -14.46
C SER A 135 -15.24 23.41 -15.95
N GLY A 136 -14.19 23.86 -16.63
CA GLY A 136 -14.26 24.00 -18.08
C GLY A 136 -14.58 22.72 -18.83
N THR A 137 -13.80 21.67 -18.58
CA THR A 137 -14.02 20.42 -19.25
C THR A 137 -15.31 19.74 -18.77
N LYS A 138 -15.77 20.08 -17.57
CA LYS A 138 -17.00 19.50 -17.05
C LYS A 138 -18.16 20.03 -17.89
N LEU A 139 -18.08 21.30 -18.28
CA LEU A 139 -19.12 21.91 -19.12
C LEU A 139 -19.11 21.15 -20.45
N VAL A 140 -17.95 21.10 -21.07
CA VAL A 140 -17.77 20.39 -22.33
C VAL A 140 -18.38 19.00 -22.20
N TRP A 141 -18.03 18.30 -21.15
CA TRP A 141 -18.55 16.95 -20.97
C TRP A 141 -20.06 16.94 -21.05
N LEU A 142 -20.71 17.83 -20.32
CA LEU A 142 -22.16 17.86 -20.35
C LEU A 142 -22.66 18.16 -21.77
N LEU A 143 -21.99 19.09 -22.43
CA LEU A 143 -22.38 19.50 -23.79
C LEU A 143 -22.33 18.40 -24.84
N GLU A 144 -21.53 17.36 -24.63
CA GLU A 144 -21.50 16.32 -25.64
C GLU A 144 -21.86 14.93 -25.15
N ASN A 145 -22.44 14.84 -23.95
CA ASN A 145 -22.83 13.56 -23.40
C ASN A 145 -24.30 13.50 -23.00
N VAL A 146 -24.99 14.62 -23.08
CA VAL A 146 -26.40 14.72 -22.75
C VAL A 146 -27.29 14.96 -24.00
N PRO A 147 -28.56 14.48 -23.88
CA PRO A 147 -29.58 14.53 -24.91
C PRO A 147 -29.34 15.56 -26.03
N GLY A 148 -29.80 16.77 -25.76
CA GLY A 148 -29.62 17.82 -26.74
C GLY A 148 -29.29 19.14 -26.04
N LEU A 149 -28.59 18.94 -24.93
CA LEU A 149 -28.18 20.02 -24.04
C LEU A 149 -27.51 21.14 -24.83
N LYS A 150 -26.55 20.76 -25.67
CA LYS A 150 -25.81 21.69 -26.51
C LYS A 150 -26.74 22.74 -27.14
N ALA A 151 -27.74 22.28 -27.87
CA ALA A 151 -28.69 23.17 -28.52
C ALA A 151 -29.56 23.91 -27.52
N ARG A 152 -29.81 23.30 -26.37
CA ARG A 152 -30.62 23.96 -25.36
C ARG A 152 -29.84 25.15 -24.79
N ALA A 153 -28.56 24.93 -24.50
CA ALA A 153 -27.72 26.00 -23.95
C ALA A 153 -27.72 27.20 -24.88
N GLU A 154 -27.49 26.95 -26.17
CA GLU A 154 -27.49 28.02 -27.16
C GLU A 154 -28.81 28.78 -27.24
N GLY A 155 -29.89 28.18 -26.75
CA GLY A 155 -31.18 28.84 -26.78
C GLY A 155 -31.29 29.98 -25.78
N GLY A 156 -30.44 29.96 -24.76
CA GLY A 156 -30.48 31.00 -23.76
C GLY A 156 -31.31 30.70 -22.52
N GLY A 157 -32.03 29.59 -22.52
CA GLY A 157 -32.83 29.25 -21.36
C GLY A 157 -32.06 28.51 -20.28
N VAL A 158 -30.81 28.15 -20.59
CA VAL A 158 -29.97 27.41 -19.65
C VAL A 158 -29.01 28.32 -18.91
N ALA A 159 -28.78 28.00 -17.64
CA ALA A 159 -27.86 28.79 -16.83
C ALA A 159 -26.75 27.93 -16.27
N PHE A 160 -25.54 28.44 -16.37
CA PHE A 160 -24.39 27.75 -15.85
C PHE A 160 -23.96 28.51 -14.60
N GLY A 161 -23.29 27.80 -13.70
CA GLY A 161 -22.81 28.46 -12.52
C GLY A 161 -22.08 27.52 -11.58
N THR A 162 -21.19 28.09 -10.77
CA THR A 162 -20.48 27.33 -9.75
C THR A 162 -21.43 27.41 -8.55
N VAL A 163 -21.14 26.71 -7.46
CA VAL A 163 -22.04 26.69 -6.32
C VAL A 163 -22.44 28.05 -5.74
N ASP A 164 -21.54 29.02 -5.83
CA ASP A 164 -21.80 30.39 -5.36
C ASP A 164 -22.95 30.93 -6.19
N THR A 165 -22.81 30.77 -7.50
CA THR A 165 -23.81 31.21 -8.43
C THR A 165 -25.11 30.49 -8.13
N TRP A 166 -25.00 29.24 -7.73
CA TRP A 166 -26.17 28.42 -7.41
C TRP A 166 -26.84 28.94 -6.14
N LEU A 167 -26.05 29.13 -5.10
CA LEU A 167 -26.58 29.64 -3.84
C LEU A 167 -27.20 31.03 -4.01
N ILE A 168 -26.56 31.86 -4.82
CA ILE A 168 -27.05 33.22 -5.03
C ILE A 168 -28.34 33.25 -5.82
N TRP A 169 -28.48 32.33 -6.77
CA TRP A 169 -29.68 32.27 -7.59
C TRP A 169 -30.90 31.88 -6.73
N ASN A 170 -30.67 30.94 -5.82
CA ASN A 170 -31.71 30.49 -4.92
C ASN A 170 -32.01 31.54 -3.85
N LEU A 171 -30.97 32.25 -3.41
CA LEU A 171 -31.13 33.27 -2.39
C LEU A 171 -32.00 34.44 -2.85
N THR A 172 -32.00 34.68 -4.16
CA THR A 172 -32.77 35.77 -4.75
C THR A 172 -33.94 35.34 -5.62
N GLY A 173 -34.32 34.07 -5.56
CA GLY A 173 -35.43 33.62 -6.39
C GLY A 173 -35.22 33.88 -7.88
N GLY A 174 -34.01 33.61 -8.36
CA GLY A 174 -33.71 33.79 -9.78
C GLY A 174 -33.45 35.21 -10.25
N LYS A 175 -33.62 36.20 -9.38
CA LYS A 175 -33.46 37.60 -9.78
C LYS A 175 -32.01 37.96 -10.10
N VAL A 176 -31.06 37.24 -9.45
CA VAL A 176 -29.64 37.54 -9.72
C VAL A 176 -28.87 36.29 -10.18
N HIS A 177 -28.32 36.40 -11.41
CA HIS A 177 -27.40 35.40 -11.94
C HIS A 177 -25.94 35.87 -11.83
N ALA A 178 -25.20 35.61 -10.77
CA ALA A 178 -23.86 36.17 -10.72
C ALA A 178 -22.81 35.30 -10.08
N THR A 179 -21.59 35.81 -10.12
CA THR A 179 -20.43 35.13 -9.55
C THR A 179 -19.37 36.21 -9.33
N ASP A 180 -18.21 35.84 -8.80
CA ASP A 180 -17.15 36.81 -8.56
C ASP A 180 -15.84 36.31 -9.20
N PRO A 181 -14.87 37.21 -9.40
CA PRO A 181 -13.60 36.85 -10.02
C PRO A 181 -12.90 35.62 -9.44
N THR A 182 -12.98 35.41 -8.14
CA THR A 182 -12.29 34.26 -7.56
C THR A 182 -12.90 32.96 -8.01
N ASN A 183 -14.21 32.90 -8.12
CA ASN A 183 -14.81 31.66 -8.57
C ASN A 183 -14.62 31.53 -10.08
N ALA A 184 -14.88 32.61 -10.79
CA ALA A 184 -14.72 32.58 -12.23
C ALA A 184 -13.29 32.21 -12.63
N SER A 185 -12.30 32.53 -11.80
CA SER A 185 -10.92 32.21 -12.18
C SER A 185 -10.52 30.74 -11.94
N ARG A 186 -11.51 29.90 -11.70
CA ARG A 186 -11.27 28.47 -11.50
C ARG A 186 -12.11 27.66 -12.50
N THR A 187 -12.56 28.32 -13.58
CA THR A 187 -13.40 27.68 -14.57
C THR A 187 -12.77 27.49 -15.96
N LEU A 188 -11.62 28.12 -16.18
CA LEU A 188 -10.90 28.02 -17.46
C LEU A 188 -11.46 28.92 -18.57
N LEU A 189 -12.55 29.63 -18.29
CA LEU A 189 -13.18 30.50 -19.28
C LEU A 189 -13.04 31.96 -18.91
N PHE A 190 -12.19 32.24 -17.93
CA PHE A 190 -12.04 33.59 -17.43
C PHE A 190 -10.61 34.11 -17.57
N ASN A 191 -10.49 35.30 -18.12
CA ASN A 191 -9.21 35.98 -18.32
C ASN A 191 -8.93 36.67 -16.99
N LEU A 192 -7.87 36.25 -16.29
CA LEU A 192 -7.57 36.87 -15.00
C LEU A 192 -6.85 38.22 -15.09
N HIS A 193 -6.47 38.62 -16.30
CA HIS A 193 -5.80 39.90 -16.46
C HIS A 193 -6.82 41.02 -16.57
N THR A 194 -7.75 40.88 -17.51
CA THR A 194 -8.77 41.89 -17.72
C THR A 194 -9.95 41.66 -16.79
N LEU A 195 -9.89 40.56 -16.04
CA LEU A 195 -10.94 40.17 -15.11
C LEU A 195 -12.31 40.10 -15.80
N ALA A 196 -12.39 39.24 -16.80
CA ALA A 196 -13.62 39.05 -17.57
C ALA A 196 -13.59 37.75 -18.36
N TRP A 197 -14.78 37.27 -18.71
CA TRP A 197 -14.91 36.04 -19.50
C TRP A 197 -14.13 36.29 -20.78
N ASP A 198 -13.43 35.28 -21.28
CA ASP A 198 -12.67 35.47 -22.50
C ASP A 198 -13.32 34.72 -23.64
N PRO A 199 -13.91 35.45 -24.60
CA PRO A 199 -14.58 34.88 -25.76
C PRO A 199 -13.72 33.87 -26.50
N GLU A 200 -12.45 34.21 -26.67
CA GLU A 200 -11.51 33.36 -27.39
C GLU A 200 -11.42 31.97 -26.78
N LEU A 201 -11.54 31.93 -25.46
CA LEU A 201 -11.51 30.68 -24.70
C LEU A 201 -12.84 29.96 -24.85
N LEU A 202 -13.93 30.72 -24.75
CA LEU A 202 -15.27 30.16 -24.88
C LEU A 202 -15.43 29.51 -26.25
N GLU A 203 -14.83 30.12 -27.27
CA GLU A 203 -14.89 29.60 -28.63
C GLU A 203 -14.12 28.28 -28.71
N ALA A 204 -12.92 28.26 -28.16
CA ALA A 204 -12.09 27.06 -28.17
C ALA A 204 -12.79 25.82 -27.62
N LEU A 205 -13.55 25.96 -26.54
CA LEU A 205 -14.22 24.82 -25.94
C LEU A 205 -15.64 24.62 -26.46
N GLY A 206 -16.09 25.52 -27.34
CA GLY A 206 -17.42 25.39 -27.89
C GLY A 206 -18.50 25.62 -26.84
N ILE A 207 -18.30 26.66 -26.02
CA ILE A 207 -19.22 27.01 -24.96
C ILE A 207 -20.03 28.27 -25.29
N PRO A 208 -21.36 28.14 -25.37
CA PRO A 208 -22.23 29.28 -25.68
C PRO A 208 -22.14 30.29 -24.56
N ALA A 209 -22.32 31.57 -24.87
CA ALA A 209 -22.25 32.62 -23.85
C ALA A 209 -23.62 32.85 -23.21
N ALA A 210 -24.66 32.41 -23.89
CA ALA A 210 -26.01 32.58 -23.40
C ALA A 210 -26.23 32.02 -22.00
N LEU A 211 -25.26 31.30 -21.44
CA LEU A 211 -25.47 30.75 -20.11
C LEU A 211 -24.52 31.19 -19.01
N LEU A 212 -23.56 32.05 -19.34
CA LEU A 212 -22.62 32.55 -18.35
C LEU A 212 -23.24 33.59 -17.44
N PRO A 213 -22.92 33.52 -16.14
CA PRO A 213 -23.43 34.46 -15.13
C PRO A 213 -22.64 35.77 -15.15
N GLU A 214 -23.18 36.82 -14.54
CA GLU A 214 -22.49 38.11 -14.52
C GLU A 214 -21.42 38.13 -13.45
N VAL A 215 -20.31 38.77 -13.77
CA VAL A 215 -19.20 38.83 -12.83
C VAL A 215 -19.14 40.14 -12.05
N ARG A 216 -19.25 40.04 -10.73
CA ARG A 216 -19.19 41.22 -9.88
C ARG A 216 -18.08 41.04 -8.86
N PRO A 217 -17.51 42.15 -8.36
CA PRO A 217 -16.42 42.06 -7.38
C PRO A 217 -16.77 41.30 -6.10
N SER A 218 -15.73 40.90 -5.37
CA SER A 218 -15.92 40.16 -4.14
C SER A 218 -16.75 40.88 -3.08
N ASP A 219 -16.71 42.21 -3.10
CA ASP A 219 -17.46 43.00 -2.13
C ASP A 219 -18.59 43.75 -2.84
N GLY A 220 -19.04 43.18 -3.94
CA GLY A 220 -20.09 43.81 -4.71
C GLY A 220 -21.47 43.63 -4.10
N ASP A 221 -22.47 43.94 -4.91
CA ASP A 221 -23.85 43.82 -4.49
C ASP A 221 -24.46 42.67 -5.27
N PHE A 222 -24.82 41.61 -4.56
CA PHE A 222 -25.41 40.45 -5.22
C PHE A 222 -26.89 40.34 -4.89
N GLY A 223 -27.53 41.49 -4.74
CA GLY A 223 -28.95 41.51 -4.43
C GLY A 223 -29.28 41.27 -2.97
N GLU A 224 -30.51 40.86 -2.72
CA GLU A 224 -30.96 40.60 -1.36
C GLU A 224 -31.63 39.24 -1.37
N THR A 225 -31.73 38.61 -0.19
CA THR A 225 -32.36 37.31 -0.09
C THR A 225 -33.87 37.50 -0.07
N LEU A 226 -34.62 36.49 -0.48
CA LEU A 226 -36.07 36.58 -0.44
C LEU A 226 -36.42 36.58 1.06
N PRO A 227 -37.39 37.41 1.46
CA PRO A 227 -37.78 37.50 2.87
C PRO A 227 -38.25 36.15 3.44
N GLU A 228 -39.04 35.42 2.63
CA GLU A 228 -39.57 34.14 3.09
C GLU A 228 -38.50 33.25 3.72
N LEU A 229 -37.27 33.33 3.17
CA LEU A 229 -36.21 32.41 3.58
C LEU A 229 -35.76 32.64 5.03
N LEU A 230 -35.21 33.84 5.26
CA LEU A 230 -34.62 34.12 6.57
C LEU A 230 -35.55 34.91 7.50
N GLY A 231 -36.69 35.36 6.93
CA GLY A 231 -37.64 36.12 7.74
C GLY A 231 -37.64 37.61 7.38
N ALA A 232 -36.51 38.06 6.84
CA ALA A 232 -36.37 39.42 6.37
C ALA A 232 -35.30 39.38 5.29
N PRO A 233 -35.37 40.30 4.32
CA PRO A 233 -34.39 40.36 3.24
C PRO A 233 -33.03 40.67 3.81
N VAL A 234 -32.02 39.98 3.34
CA VAL A 234 -30.67 40.18 3.83
C VAL A 234 -29.75 40.58 2.71
N PRO A 235 -28.99 41.67 2.88
CA PRO A 235 -28.04 42.14 1.85
C PRO A 235 -26.91 41.15 1.62
N ILE A 236 -26.71 40.76 0.35
CA ILE A 236 -25.63 39.84 -0.02
C ILE A 236 -24.46 40.65 -0.57
N ARG A 237 -23.41 40.84 0.24
CA ARG A 237 -22.26 41.66 -0.17
C ARG A 237 -20.95 40.86 -0.13
N GLY A 238 -21.02 39.55 -0.04
CA GLY A 238 -19.81 38.76 0.04
C GLY A 238 -19.88 37.46 -0.72
N VAL A 239 -19.01 37.31 -1.71
CA VAL A 239 -18.98 36.09 -2.47
C VAL A 239 -17.51 35.82 -2.71
N LEU A 240 -17.07 34.63 -2.37
CA LEU A 240 -15.66 34.30 -2.48
C LEU A 240 -15.48 32.78 -2.49
N GLY A 241 -14.55 32.31 -3.32
CA GLY A 241 -14.27 30.89 -3.34
C GLY A 241 -13.80 30.57 -1.94
N ASP A 242 -14.10 29.36 -1.47
CA ASP A 242 -13.71 28.96 -0.12
C ASP A 242 -12.23 29.10 0.23
N GLN A 243 -11.35 28.64 -0.65
CA GLN A 243 -9.92 28.75 -0.35
C GLN A 243 -9.44 30.20 -0.36
N GLN A 244 -10.05 31.03 -1.19
CA GLN A 244 -9.69 32.43 -1.23
C GLN A 244 -10.23 33.10 0.04
N ALA A 245 -11.34 32.57 0.56
CA ALA A 245 -11.92 33.10 1.79
C ALA A 245 -10.98 32.85 2.97
N ALA A 246 -10.58 31.59 3.14
CA ALA A 246 -9.68 31.23 4.24
C ALA A 246 -8.42 32.09 4.17
N LEU A 247 -8.00 32.44 2.96
CA LEU A 247 -6.82 33.29 2.81
C LEU A 247 -7.10 34.67 3.40
N PHE A 248 -8.31 35.19 3.20
CA PHE A 248 -8.68 36.50 3.73
C PHE A 248 -8.87 36.41 5.25
N GLY A 249 -9.47 35.32 5.71
CA GLY A 249 -9.69 35.11 7.12
C GLY A 249 -8.42 34.93 7.94
N GLN A 250 -7.36 34.42 7.30
CA GLN A 250 -6.08 34.22 7.97
C GLN A 250 -5.41 35.56 8.06
N ALA A 251 -5.98 36.53 7.35
CA ALA A 251 -5.49 37.91 7.30
C ALA A 251 -4.26 38.11 6.41
N ALA A 252 -3.91 37.10 5.62
CA ALA A 252 -2.75 37.18 4.71
C ALA A 252 -3.00 38.20 3.59
N LEU A 253 -2.93 39.49 3.94
CA LEU A 253 -3.18 40.55 2.97
C LEU A 253 -1.94 41.08 2.26
N GLY A 254 -0.79 40.86 2.88
CA GLY A 254 0.45 41.31 2.28
C GLY A 254 1.12 40.23 1.46
N GLY A 255 1.72 40.62 0.34
CA GLY A 255 2.37 39.66 -0.52
C GLY A 255 3.44 38.88 0.20
N GLY A 256 3.52 37.59 -0.13
CA GLY A 256 4.51 36.73 0.48
C GLY A 256 3.88 35.97 1.62
N GLU A 257 2.65 36.31 1.94
CA GLU A 257 1.93 35.64 3.01
C GLU A 257 1.05 34.52 2.49
N GLY A 258 1.22 33.33 3.06
CA GLY A 258 0.45 32.18 2.65
C GLY A 258 -0.16 31.40 3.78
N LYS A 259 -1.11 30.54 3.44
CA LYS A 259 -1.80 29.70 4.40
C LYS A 259 -2.12 28.38 3.72
N CYS A 260 -2.68 27.45 4.47
CA CYS A 260 -3.04 26.15 3.93
C CYS A 260 -4.21 25.57 4.72
N THR A 261 -5.32 25.35 4.03
CA THR A 261 -6.49 24.79 4.68
C THR A 261 -6.47 23.29 4.41
N TYR A 262 -6.63 22.48 5.47
CA TYR A 262 -6.61 21.03 5.33
C TYR A 262 -8.00 20.36 5.47
N GLY A 263 -8.66 20.10 4.35
CA GLY A 263 -9.97 19.46 4.36
C GLY A 263 -9.91 18.10 3.70
N THR A 264 -10.85 17.80 2.81
CA THR A 264 -10.84 16.52 2.09
C THR A 264 -9.51 16.57 1.36
N GLY A 265 -9.31 17.71 0.71
CA GLY A 265 -8.08 17.99 0.02
C GLY A 265 -7.40 19.06 0.86
N ALA A 266 -6.32 19.63 0.34
CA ALA A 266 -5.61 20.68 1.06
C ALA A 266 -5.22 21.70 0.02
N PHE A 267 -5.52 22.97 0.29
CA PHE A 267 -5.18 24.01 -0.66
C PHE A 267 -4.34 25.13 -0.05
N LEU A 268 -3.17 25.31 -0.62
CA LEU A 268 -2.24 26.31 -0.17
C LEU A 268 -2.40 27.54 -1.06
N LEU A 269 -2.37 28.73 -0.47
CA LEU A 269 -2.47 29.97 -1.24
C LEU A 269 -1.49 31.01 -0.73
N LEU A 270 -0.76 31.63 -1.66
CA LEU A 270 0.25 32.63 -1.35
C LEU A 270 -0.08 33.99 -1.97
N ASN A 271 -0.27 35.01 -1.15
CA ASN A 271 -0.60 36.34 -1.66
C ASN A 271 0.49 36.92 -2.55
N THR A 272 0.20 37.16 -3.82
CA THR A 272 1.21 37.72 -4.73
C THR A 272 0.90 39.16 -5.09
N GLY A 273 0.05 39.79 -4.30
CA GLY A 273 -0.26 41.19 -4.54
C GLY A 273 -1.10 41.62 -5.73
N LYS A 274 -0.73 42.79 -6.25
CA LYS A 274 -1.42 43.45 -7.36
C LYS A 274 -1.33 42.86 -8.75
N ARG A 275 -0.71 41.69 -8.90
CA ARG A 275 -0.63 41.06 -10.22
C ARG A 275 -0.36 39.55 -10.14
N PRO A 276 -0.82 38.79 -11.13
CA PRO A 276 -0.64 37.34 -11.19
C PRO A 276 0.77 36.89 -11.49
N VAL A 277 1.09 35.67 -11.09
CA VAL A 277 2.42 35.12 -11.32
C VAL A 277 2.31 33.81 -12.09
N LEU A 278 2.45 33.91 -13.41
CA LEU A 278 2.29 32.69 -14.20
C LEU A 278 3.47 31.74 -13.98
N SER A 279 3.09 30.61 -13.40
CA SER A 279 4.05 29.57 -13.06
C SER A 279 3.96 28.40 -14.01
N GLU A 280 5.08 28.05 -14.63
CA GLU A 280 5.12 26.91 -15.53
C GLU A 280 5.61 25.70 -14.75
N LYS A 281 6.06 25.94 -13.51
CA LYS A 281 6.56 24.90 -12.63
C LYS A 281 5.51 24.13 -11.81
N GLY A 282 4.25 24.16 -12.23
CA GLY A 282 3.25 23.41 -11.51
C GLY A 282 2.33 24.08 -10.50
N LEU A 283 2.22 25.41 -10.55
CA LEU A 283 1.35 26.12 -9.63
C LEU A 283 0.28 26.87 -10.41
N LEU A 284 -0.80 27.22 -9.74
CA LEU A 284 -1.87 27.94 -10.40
C LEU A 284 -1.74 29.43 -10.07
N ALA A 285 -2.35 30.25 -10.92
CA ALA A 285 -2.35 31.67 -10.74
C ALA A 285 -3.84 32.02 -10.67
N THR A 286 -4.30 32.43 -9.50
CA THR A 286 -5.72 32.74 -9.33
C THR A 286 -5.97 34.12 -8.69
N VAL A 287 -7.24 34.47 -8.55
CA VAL A 287 -7.61 35.73 -7.95
C VAL A 287 -7.86 35.50 -6.47
N ALA A 288 -7.14 36.23 -5.62
CA ALA A 288 -7.32 36.11 -4.17
C ALA A 288 -8.70 36.65 -3.86
N TRP A 289 -8.97 37.83 -4.39
CA TRP A 289 -10.25 38.51 -4.21
C TRP A 289 -10.23 39.80 -5.02
N SER A 290 -11.41 40.34 -5.28
CA SER A 290 -11.55 41.58 -6.03
C SER A 290 -12.31 42.60 -5.20
N LEU A 291 -11.60 43.64 -4.77
CA LEU A 291 -12.26 44.68 -3.98
C LEU A 291 -12.66 45.85 -4.86
N GLY A 292 -13.95 45.86 -5.20
CA GLY A 292 -14.51 46.92 -6.05
C GLY A 292 -13.95 46.94 -7.45
N GLY A 293 -13.02 46.04 -7.75
CA GLY A 293 -12.43 46.00 -9.07
C GLY A 293 -10.94 45.76 -8.95
N ARG A 294 -10.31 46.47 -8.03
CA ARG A 294 -8.91 46.26 -7.80
C ARG A 294 -8.75 44.83 -7.36
N ALA A 295 -8.03 44.03 -8.15
CA ALA A 295 -7.85 42.63 -7.86
C ALA A 295 -6.52 42.29 -7.19
N THR A 296 -6.53 41.17 -6.48
CA THR A 296 -5.33 40.69 -5.81
C THR A 296 -5.16 39.27 -6.32
N TYR A 297 -3.91 38.84 -6.43
CA TYR A 297 -3.65 37.52 -6.94
C TYR A 297 -2.91 36.69 -5.93
N ALA A 298 -2.94 35.38 -6.18
CA ALA A 298 -2.28 34.42 -5.33
C ALA A 298 -1.84 33.26 -6.20
N LEU A 299 -0.79 32.58 -5.75
CA LEU A 299 -0.28 31.40 -6.44
C LEU A 299 -0.89 30.28 -5.63
N GLU A 300 -1.35 29.23 -6.29
CA GLU A 300 -1.95 28.14 -5.54
C GLU A 300 -1.38 26.78 -5.82
N GLY A 301 -1.63 25.91 -4.87
CA GLY A 301 -1.19 24.54 -4.95
C GLY A 301 -2.38 23.71 -4.52
N SER A 302 -2.87 22.88 -5.41
CA SER A 302 -4.02 22.07 -5.10
C SER A 302 -3.65 20.61 -4.85
N LEU A 303 -4.02 20.11 -3.68
CA LEU A 303 -3.78 18.73 -3.33
C LEU A 303 -5.16 18.13 -3.16
N PHE A 304 -5.48 17.14 -4.00
CA PHE A 304 -6.79 16.50 -3.97
C PHE A 304 -7.09 15.62 -2.77
N VAL A 305 -6.05 15.12 -2.10
CA VAL A 305 -6.32 14.25 -0.96
C VAL A 305 -5.49 14.56 0.26
N ALA A 306 -6.18 15.06 1.30
CA ALA A 306 -5.55 15.39 2.58
C ALA A 306 -6.30 14.58 3.63
N GLY A 307 -7.47 15.08 4.04
CA GLY A 307 -8.26 14.39 5.04
C GLY A 307 -8.55 12.97 4.61
N ALA A 308 -9.12 12.83 3.41
CA ALA A 308 -9.45 11.52 2.88
C ALA A 308 -8.37 10.48 3.08
N ALA A 309 -7.11 10.89 3.20
CA ALA A 309 -6.06 9.90 3.41
C ALA A 309 -6.42 9.15 4.69
N VAL A 310 -6.80 9.91 5.71
CA VAL A 310 -7.17 9.31 6.98
C VAL A 310 -8.56 8.70 6.85
N GLY A 311 -9.44 9.38 6.12
CA GLY A 311 -10.78 8.86 5.92
C GLY A 311 -10.73 7.46 5.34
N TRP A 312 -9.87 7.28 4.32
CA TRP A 312 -9.71 6.00 3.67
C TRP A 312 -9.28 4.93 4.66
N LEU A 313 -8.27 5.27 5.47
CA LEU A 313 -7.81 4.34 6.51
C LEU A 313 -9.00 3.93 7.36
N LYS A 314 -9.92 4.88 7.55
CA LYS A 314 -11.11 4.64 8.33
C LYS A 314 -11.98 3.63 7.60
N GLU A 315 -12.22 3.88 6.31
CA GLU A 315 -13.05 2.99 5.50
C GLU A 315 -12.52 1.57 5.47
N VAL A 316 -11.22 1.39 5.24
CA VAL A 316 -10.68 0.04 5.20
C VAL A 316 -10.43 -0.50 6.60
N GLY A 317 -10.88 0.24 7.59
CA GLY A 317 -10.73 -0.20 8.97
C GLY A 317 -9.34 -0.25 9.60
N LEU A 318 -8.40 0.54 9.09
CA LEU A 318 -7.07 0.55 9.68
C LEU A 318 -7.08 1.39 10.96
N ILE A 319 -8.11 2.20 11.11
CA ILE A 319 -8.30 3.01 12.31
C ILE A 319 -9.76 2.79 12.68
N ARG A 320 -10.30 3.56 13.60
CA ARG A 320 -11.70 3.39 13.98
C ARG A 320 -12.50 4.68 14.01
N GLU A 321 -11.85 5.77 13.60
CA GLU A 321 -12.45 7.10 13.55
C GLU A 321 -11.32 8.08 13.26
N SER A 322 -11.60 9.10 12.46
CA SER A 322 -10.59 10.08 12.09
C SER A 322 -9.73 10.59 13.25
N ALA A 323 -10.21 10.43 14.48
CA ALA A 323 -9.48 10.90 15.65
C ALA A 323 -8.33 10.02 16.13
N GLU A 324 -8.60 8.73 16.38
CA GLU A 324 -7.57 7.81 16.85
C GLU A 324 -6.24 7.90 16.08
N VAL A 325 -6.27 8.53 14.92
CA VAL A 325 -5.07 8.67 14.12
C VAL A 325 -3.91 9.26 14.93
N GLU A 326 -4.18 10.34 15.65
CA GLU A 326 -3.16 11.01 16.45
C GLU A 326 -2.53 10.13 17.51
N ALA A 327 -3.37 9.67 18.44
CA ALA A 327 -2.90 8.81 19.49
C ALA A 327 -2.13 7.66 18.86
N LEU A 328 -2.62 7.22 17.70
CA LEU A 328 -2.03 6.11 16.94
C LEU A 328 -0.68 6.44 16.32
N ALA A 329 -0.58 7.57 15.64
CA ALA A 329 0.67 7.96 15.00
C ALA A 329 1.69 8.40 16.05
N ALA A 330 1.19 8.93 17.17
CA ALA A 330 2.07 9.38 18.23
C ALA A 330 2.89 8.25 18.84
N SER A 331 2.31 7.05 18.86
CA SER A 331 2.96 5.88 19.44
C SER A 331 4.28 5.46 18.78
N VAL A 332 4.68 6.16 17.73
CA VAL A 332 5.92 5.86 17.02
C VAL A 332 6.66 7.12 16.57
N GLU A 333 7.98 7.00 16.43
CA GLU A 333 8.81 8.12 15.99
C GLU A 333 8.90 8.20 14.49
N ASP A 334 8.96 7.04 13.85
CA ASP A 334 9.06 6.98 12.39
C ASP A 334 8.09 5.99 11.76
N THR A 335 7.97 6.03 10.45
CA THR A 335 7.08 5.13 9.72
C THR A 335 7.75 3.79 9.46
N GLY A 336 9.06 3.76 9.61
CA GLY A 336 9.80 2.54 9.37
C GLY A 336 10.28 2.51 7.95
N ASP A 337 10.48 3.69 7.37
CA ASP A 337 10.91 3.83 5.99
C ASP A 337 9.76 3.46 5.07
N VAL A 338 8.55 3.57 5.61
CA VAL A 338 7.34 3.28 4.86
C VAL A 338 6.72 4.60 4.44
N TYR A 339 6.34 4.70 3.18
CA TYR A 339 5.75 5.91 2.64
C TYR A 339 4.37 5.69 2.08
N PHE A 340 3.55 6.73 2.21
CA PHE A 340 2.18 6.67 1.74
C PHE A 340 1.96 7.89 0.85
N VAL A 341 1.70 7.65 -0.42
CA VAL A 341 1.44 8.75 -1.33
C VAL A 341 -0.04 8.58 -1.61
N PRO A 342 -0.88 9.35 -0.91
CA PRO A 342 -2.34 9.34 -1.00
C PRO A 342 -2.91 10.05 -2.22
N ALA A 343 -2.69 9.51 -3.42
CA ALA A 343 -3.19 10.13 -4.64
C ALA A 343 -4.27 9.32 -5.32
N PHE A 344 -5.29 8.91 -4.57
CA PHE A 344 -6.37 8.11 -5.13
C PHE A 344 -6.90 8.55 -6.50
N THR A 345 -7.07 9.86 -6.69
CA THR A 345 -7.60 10.36 -7.95
C THR A 345 -6.55 11.11 -8.77
N GLY A 346 -5.27 10.76 -8.51
CA GLY A 346 -4.19 11.43 -9.23
C GLY A 346 -3.50 12.48 -8.35
N LEU A 347 -2.45 13.10 -8.92
CA LEU A 347 -1.70 14.07 -8.15
C LEU A 347 -2.05 15.51 -8.54
N GLY A 348 -2.19 16.36 -7.51
CA GLY A 348 -2.45 17.76 -7.77
C GLY A 348 -1.18 18.49 -8.20
N ALA A 349 -0.78 19.47 -7.38
CA ALA A 349 0.45 20.21 -7.70
C ALA A 349 1.62 19.72 -6.86
N PRO A 350 2.84 19.93 -7.41
CA PRO A 350 3.02 20.51 -8.72
C PRO A 350 3.22 19.44 -9.81
N TYR A 351 2.57 18.28 -9.60
CA TYR A 351 2.78 17.19 -10.55
C TYR A 351 1.72 17.18 -11.66
N TRP A 352 0.45 17.36 -11.23
CA TRP A 352 -0.64 17.32 -12.20
C TRP A 352 -0.53 16.11 -13.14
N ASP A 353 -0.54 14.95 -12.51
CA ASP A 353 -0.50 13.67 -13.19
C ASP A 353 -1.78 12.89 -12.91
N PRO A 354 -2.76 12.99 -13.83
CA PRO A 354 -4.05 12.30 -13.71
C PRO A 354 -3.88 10.80 -13.48
N TYR A 355 -2.76 10.29 -13.95
CA TYR A 355 -2.49 8.88 -13.90
C TYR A 355 -1.98 8.25 -12.64
N ALA A 356 -1.40 9.07 -11.76
CA ALA A 356 -0.85 8.56 -10.50
C ALA A 356 -1.96 7.95 -9.63
N ARG A 357 -1.59 7.03 -8.74
CA ARG A 357 -2.54 6.40 -7.82
C ARG A 357 -2.02 6.22 -6.39
N GLY A 358 -2.91 5.88 -5.47
CA GLY A 358 -2.51 5.69 -4.08
C GLY A 358 -1.47 4.61 -3.97
N THR A 359 -0.33 4.92 -3.37
CA THR A 359 0.77 3.97 -3.27
C THR A 359 1.42 3.86 -1.90
N LEU A 360 1.58 2.64 -1.41
CA LEU A 360 2.24 2.40 -0.14
C LEU A 360 3.59 1.74 -0.44
N LEU A 361 4.66 2.33 0.07
CA LEU A 361 6.00 1.82 -0.18
C LEU A 361 6.77 1.53 1.10
N GLY A 362 7.61 0.49 1.04
CA GLY A 362 8.43 0.11 2.18
C GLY A 362 7.77 -0.77 3.22
N LEU A 363 6.74 -1.51 2.84
CA LEU A 363 6.09 -2.36 3.83
C LEU A 363 7.03 -3.50 4.17
N THR A 364 7.03 -3.91 5.44
CA THR A 364 7.86 -5.01 5.92
C THR A 364 7.04 -5.85 6.87
N ARG A 365 7.58 -7.00 7.26
CA ARG A 365 6.90 -7.92 8.16
C ARG A 365 6.30 -7.22 9.38
N GLY A 366 7.11 -6.41 10.04
CA GLY A 366 6.68 -5.72 11.24
C GLY A 366 6.05 -4.35 11.13
N THR A 367 5.54 -3.99 9.97
CA THR A 367 4.91 -2.69 9.82
C THR A 367 3.56 -2.69 10.57
N SER A 368 3.41 -1.77 11.51
CA SER A 368 2.19 -1.68 12.32
C SER A 368 1.14 -0.68 11.86
N ARG A 369 0.02 -0.65 12.58
CA ARG A 369 -1.08 0.27 12.29
C ARG A 369 -0.65 1.70 12.55
N ALA A 370 0.19 1.88 13.57
CA ALA A 370 0.67 3.19 13.94
C ALA A 370 1.53 3.73 12.82
N HIS A 371 2.36 2.85 12.28
CA HIS A 371 3.26 3.19 11.18
C HIS A 371 2.51 3.69 9.95
N LEU A 372 1.39 3.04 9.62
CA LEU A 372 0.60 3.45 8.47
C LEU A 372 -0.11 4.74 8.82
N ALA A 373 -0.56 4.83 10.07
CA ALA A 373 -1.25 6.00 10.59
C ALA A 373 -0.33 7.21 10.41
N ARG A 374 0.92 7.06 10.81
CA ARG A 374 1.85 8.17 10.69
C ARG A 374 2.15 8.47 9.23
N ALA A 375 2.48 7.44 8.45
CA ALA A 375 2.78 7.60 7.03
C ALA A 375 1.71 8.44 6.31
N ALA A 376 0.45 8.23 6.67
CA ALA A 376 -0.63 8.98 6.03
C ALA A 376 -0.48 10.47 6.37
N LEU A 377 -0.15 10.76 7.63
CA LEU A 377 0.03 12.13 8.10
C LEU A 377 1.23 12.78 7.43
N GLU A 378 2.34 12.04 7.38
CA GLU A 378 3.56 12.51 6.72
C GLU A 378 3.29 12.69 5.23
N GLY A 379 2.38 11.89 4.68
CA GLY A 379 2.04 11.97 3.28
C GLY A 379 1.41 13.30 2.90
N VAL A 380 0.57 13.85 3.77
CA VAL A 380 -0.07 15.12 3.49
C VAL A 380 0.95 16.24 3.68
N ALA A 381 1.76 16.15 4.72
CA ALA A 381 2.76 17.18 4.98
C ALA A 381 3.81 17.27 3.86
N PHE A 382 4.21 16.12 3.31
CA PHE A 382 5.20 16.10 2.24
C PHE A 382 4.59 16.72 0.99
N GLN A 383 3.28 16.61 0.88
CA GLN A 383 2.57 17.19 -0.25
C GLN A 383 2.70 18.70 -0.16
N VAL A 384 2.46 19.23 1.03
CA VAL A 384 2.55 20.66 1.26
C VAL A 384 3.98 21.15 0.99
N ARG A 385 4.98 20.38 1.44
CA ARG A 385 6.36 20.77 1.22
C ARG A 385 6.62 20.89 -0.27
N ASP A 386 6.04 19.99 -1.05
CA ASP A 386 6.23 20.05 -2.48
C ASP A 386 5.79 21.40 -3.01
N VAL A 387 4.57 21.81 -2.69
CA VAL A 387 4.09 23.08 -3.20
C VAL A 387 4.85 24.29 -2.64
N VAL A 388 5.31 24.21 -1.40
CA VAL A 388 6.03 25.33 -0.79
C VAL A 388 7.37 25.56 -1.49
N LEU A 389 8.12 24.48 -1.75
CA LEU A 389 9.40 24.61 -2.42
C LEU A 389 9.23 25.18 -3.81
N ALA A 390 8.08 24.94 -4.44
CA ALA A 390 7.84 25.46 -5.78
C ALA A 390 7.57 26.96 -5.72
N MET A 391 6.66 27.38 -4.85
CA MET A 391 6.30 28.75 -4.56
C MET A 391 7.56 29.53 -4.22
N GLU A 392 8.31 28.86 -3.37
CA GLU A 392 9.50 29.45 -2.80
C GLU A 392 10.57 29.56 -3.86
N GLU A 393 11.39 28.52 -3.98
CA GLU A 393 12.46 28.50 -4.96
C GLU A 393 11.90 28.68 -6.36
N GLU A 394 11.39 29.88 -6.59
CA GLU A 394 10.82 30.29 -7.86
C GLU A 394 10.61 31.78 -7.86
N ALA A 395 9.53 32.22 -8.50
CA ALA A 395 9.23 33.64 -8.58
C ALA A 395 8.93 34.23 -7.19
N GLY A 396 9.53 33.65 -6.16
CA GLY A 396 9.28 34.17 -4.83
C GLY A 396 10.47 34.20 -3.88
N VAL A 397 10.23 34.81 -2.72
CA VAL A 397 11.25 34.90 -1.69
C VAL A 397 11.18 33.62 -0.88
N ARG A 398 11.23 33.75 0.44
CA ARG A 398 11.20 32.60 1.32
C ARG A 398 9.92 32.71 2.17
N LEU A 399 9.33 31.58 2.53
CA LEU A 399 8.13 31.61 3.36
C LEU A 399 8.59 31.60 4.80
N LYS A 400 8.13 32.58 5.57
CA LYS A 400 8.52 32.71 6.96
C LYS A 400 7.63 31.88 7.87
N VAL A 401 6.33 31.92 7.62
CA VAL A 401 5.39 31.17 8.47
C VAL A 401 4.27 30.57 7.64
N LEU A 402 3.86 29.35 7.96
CA LEU A 402 2.76 28.77 7.23
C LEU A 402 1.54 28.72 8.12
N LYS A 403 0.56 29.54 7.72
CA LYS A 403 -0.69 29.68 8.46
C LYS A 403 -1.65 28.51 8.19
N ALA A 404 -2.05 27.83 9.25
CA ALA A 404 -2.93 26.66 9.14
C ALA A 404 -4.38 26.86 9.56
N ASP A 405 -5.22 25.96 9.05
CA ASP A 405 -6.65 25.95 9.35
C ASP A 405 -7.29 24.77 8.64
N GLY A 406 -8.50 24.41 9.05
CA GLY A 406 -9.17 23.30 8.42
C GLY A 406 -9.34 22.18 9.40
N GLY A 407 -10.12 21.17 9.03
CA GLY A 407 -10.35 20.06 9.94
C GLY A 407 -9.09 19.34 10.42
N MET A 408 -8.05 19.31 9.59
CA MET A 408 -6.84 18.59 9.96
C MET A 408 -5.92 19.34 10.90
N ALA A 409 -6.05 20.66 10.93
CA ALA A 409 -5.21 21.45 11.80
C ALA A 409 -5.64 21.27 13.27
N GLN A 410 -6.72 20.54 13.49
CA GLN A 410 -7.20 20.29 14.85
C GLN A 410 -6.48 19.07 15.41
N ASN A 411 -5.31 18.77 14.85
CA ASN A 411 -4.50 17.64 15.26
C ASN A 411 -3.08 18.17 15.44
N ARG A 412 -2.74 18.51 16.68
CA ARG A 412 -1.43 19.06 17.01
C ARG A 412 -0.27 18.21 16.51
N LEU A 413 -0.40 16.89 16.60
CA LEU A 413 0.65 16.00 16.14
C LEU A 413 0.95 16.27 14.66
N PHE A 414 -0.11 16.32 13.86
CA PHE A 414 0.04 16.57 12.43
C PHE A 414 0.74 17.90 12.14
N LEU A 415 0.31 18.96 12.80
CA LEU A 415 0.91 20.26 12.58
C LEU A 415 2.38 20.22 12.97
N LYS A 416 2.67 19.61 14.10
CA LYS A 416 4.04 19.49 14.56
C LYS A 416 4.83 18.81 13.44
N ILE A 417 4.30 17.69 12.95
CA ILE A 417 4.97 16.96 11.88
C ILE A 417 5.16 17.87 10.69
N GLN A 418 4.06 18.46 10.22
CA GLN A 418 4.08 19.37 9.09
C GLN A 418 5.14 20.46 9.29
N ALA A 419 5.21 20.98 10.51
CA ALA A 419 6.18 22.01 10.82
C ALA A 419 7.60 21.47 10.71
N ASP A 420 7.83 20.25 11.18
CA ASP A 420 9.16 19.68 11.14
C ASP A 420 9.63 19.45 9.72
N LEU A 421 8.92 18.61 9.00
CA LEU A 421 9.26 18.32 7.62
C LEU A 421 9.39 19.59 6.81
N LEU A 422 8.61 20.61 7.17
CA LEU A 422 8.62 21.86 6.45
C LEU A 422 9.79 22.77 6.87
N GLY A 423 10.31 22.54 8.08
CA GLY A 423 11.41 23.34 8.57
C GLY A 423 11.01 24.80 8.68
N VAL A 424 9.70 25.04 8.72
CA VAL A 424 9.14 26.39 8.81
C VAL A 424 8.11 26.39 9.92
N PRO A 425 7.95 27.52 10.62
CA PRO A 425 6.93 27.47 11.67
C PRO A 425 5.52 27.45 11.06
N VAL A 426 4.58 26.86 11.79
CA VAL A 426 3.20 26.77 11.33
C VAL A 426 2.37 27.42 12.43
N ALA A 427 1.35 28.19 12.04
CA ALA A 427 0.52 28.87 13.03
C ALA A 427 -0.98 28.75 12.78
N VAL A 428 -1.70 28.43 13.84
CA VAL A 428 -3.14 28.29 13.77
C VAL A 428 -3.74 29.54 14.41
N PRO A 429 -4.85 30.03 13.88
CA PRO A 429 -5.51 31.24 14.41
C PRO A 429 -6.42 30.92 15.60
N GLU A 430 -6.93 31.96 16.25
CA GLU A 430 -7.83 31.77 17.39
C GLU A 430 -9.18 31.32 16.87
N VAL A 431 -9.67 32.01 15.85
CA VAL A 431 -10.95 31.67 15.23
C VAL A 431 -10.70 30.52 14.26
N THR A 432 -11.19 29.34 14.60
CA THR A 432 -10.98 28.18 13.74
C THR A 432 -11.78 28.20 12.46
N GLU A 433 -12.99 28.74 12.51
CA GLU A 433 -13.85 28.80 11.34
C GLU A 433 -13.38 29.88 10.36
N THR A 434 -12.09 29.81 10.04
CA THR A 434 -11.41 30.75 9.13
C THR A 434 -12.10 30.94 7.78
N THR A 435 -12.46 29.85 7.10
CA THR A 435 -13.13 29.99 5.81
C THR A 435 -14.35 30.89 5.96
N ALA A 436 -15.23 30.52 6.88
CA ALA A 436 -16.44 31.29 7.12
C ALA A 436 -16.10 32.72 7.56
N LEU A 437 -15.16 32.85 8.49
CA LEU A 437 -14.85 34.18 8.97
C LEU A 437 -14.41 35.06 7.82
N GLY A 438 -13.81 34.47 6.79
CA GLY A 438 -13.42 35.23 5.61
C GLY A 438 -14.61 35.74 4.82
N ALA A 439 -15.61 34.89 4.61
CA ALA A 439 -16.78 35.33 3.85
C ALA A 439 -17.48 36.46 4.58
N ALA A 440 -17.56 36.35 5.90
CA ALA A 440 -18.23 37.39 6.69
C ALA A 440 -17.47 38.71 6.61
N LEU A 441 -16.16 38.67 6.82
CA LEU A 441 -15.34 39.88 6.75
C LEU A 441 -15.43 40.56 5.39
N MET A 442 -15.47 39.75 4.33
CA MET A 442 -15.56 40.27 2.97
C MET A 442 -16.91 40.94 2.82
N ALA A 443 -17.94 40.28 3.32
CA ALA A 443 -19.29 40.83 3.25
C ALA A 443 -19.34 42.09 4.10
N GLY A 444 -18.48 42.13 5.12
CA GLY A 444 -18.42 43.28 6.00
C GLY A 444 -17.87 44.45 5.22
N VAL A 445 -16.86 44.17 4.40
CA VAL A 445 -16.25 45.21 3.59
C VAL A 445 -17.23 45.63 2.49
N GLY A 446 -18.22 44.78 2.24
CA GLY A 446 -19.20 45.09 1.22
C GLY A 446 -20.30 45.99 1.77
N ALA A 447 -20.69 45.74 3.00
CA ALA A 447 -21.74 46.53 3.64
C ALA A 447 -21.20 47.88 4.11
N GLY A 448 -19.90 48.07 3.98
CA GLY A 448 -19.28 49.31 4.40
C GLY A 448 -18.87 49.33 5.88
N ALA A 449 -19.31 48.34 6.64
CA ALA A 449 -18.98 48.29 8.05
C ALA A 449 -17.49 48.06 8.31
N LEU A 450 -16.78 47.57 7.30
CA LEU A 450 -15.35 47.29 7.47
C LEU A 450 -14.46 47.74 6.33
N SER A 451 -13.17 47.76 6.64
CA SER A 451 -12.15 48.11 5.67
C SER A 451 -11.14 46.99 5.80
N PRO A 452 -10.49 46.61 4.70
CA PRO A 452 -9.51 45.53 4.80
C PRO A 452 -8.45 45.80 5.87
N GLU A 453 -8.21 47.07 6.18
CA GLU A 453 -7.21 47.42 7.20
C GLU A 453 -7.68 46.97 8.59
N ASP A 454 -8.99 46.91 8.80
CA ASP A 454 -9.54 46.47 10.08
C ASP A 454 -9.14 45.01 10.28
N VAL A 455 -9.39 44.21 9.25
CA VAL A 455 -9.10 42.78 9.24
C VAL A 455 -7.73 42.37 9.78
N ALA A 456 -6.67 42.89 9.16
CA ALA A 456 -5.31 42.55 9.58
C ALA A 456 -5.02 43.00 11.00
N GLY A 457 -5.74 44.02 11.46
CA GLY A 457 -5.53 44.54 12.80
C GLY A 457 -6.17 43.69 13.88
N ARG A 458 -7.31 43.10 13.56
CA ARG A 458 -8.04 42.26 14.49
C ARG A 458 -7.67 40.78 14.48
N PHE A 459 -6.86 40.35 13.51
CA PHE A 459 -6.46 38.95 13.42
C PHE A 459 -5.64 38.44 14.59
N ARG A 460 -6.17 37.46 15.32
CA ARG A 460 -5.44 36.92 16.46
C ARG A 460 -4.85 35.54 16.15
N GLU A 461 -3.69 35.26 16.74
CA GLU A 461 -3.01 33.99 16.54
C GLU A 461 -2.92 33.15 17.81
N ALA A 462 -3.46 31.94 17.75
CA ALA A 462 -3.46 31.02 18.87
C ALA A 462 -2.09 30.41 19.16
N GLU A 463 -1.78 29.31 18.49
CA GLU A 463 -0.49 28.65 18.70
C GLU A 463 0.44 28.77 17.52
N ARG A 464 1.65 28.26 17.72
CA ARG A 464 2.67 28.26 16.70
C ARG A 464 3.55 27.07 17.01
N PHE A 465 3.69 26.14 16.07
CA PHE A 465 4.53 24.99 16.29
C PHE A 465 5.83 25.26 15.59
N LEU A 466 6.94 25.14 16.31
CA LEU A 466 8.27 25.40 15.77
C LEU A 466 8.93 24.17 15.21
N PRO A 467 9.72 24.34 14.13
CA PRO A 467 10.44 23.21 13.58
C PRO A 467 11.36 22.59 14.64
N THR A 468 11.28 21.26 14.75
CA THR A 468 12.07 20.59 15.78
C THR A 468 12.95 19.50 15.18
N MET A 469 13.13 19.58 13.85
CA MET A 469 13.96 18.59 13.17
C MET A 469 15.17 19.21 12.48
N PRO A 470 16.34 18.57 12.58
CA PRO A 470 17.57 19.06 11.95
C PRO A 470 17.44 19.00 10.44
N GLU A 471 18.18 19.84 9.73
CA GLU A 471 18.08 19.83 8.29
C GLU A 471 18.41 18.47 7.70
N GLY A 472 19.54 17.91 8.09
CA GLY A 472 19.92 16.61 7.57
C GLY A 472 18.77 15.62 7.55
N ARG A 473 18.24 15.34 8.73
CA ARG A 473 17.13 14.40 8.87
C ARG A 473 15.95 14.80 7.98
N ARG A 474 15.66 16.10 7.95
CA ARG A 474 14.57 16.63 7.15
C ARG A 474 14.78 16.33 5.66
N GLU A 475 15.95 16.69 5.14
CA GLU A 475 16.26 16.46 3.73
C GLU A 475 16.35 14.98 3.39
N ALA A 476 16.82 14.18 4.34
CA ALA A 476 16.94 12.75 4.10
C ALA A 476 15.56 12.16 3.83
N LEU A 477 14.60 12.48 4.69
CA LEU A 477 13.23 12.00 4.55
C LEU A 477 12.59 12.49 3.24
N TYR A 478 12.65 13.78 2.99
CA TYR A 478 12.08 14.35 1.76
C TYR A 478 12.59 13.59 0.55
N ARG A 479 13.87 13.24 0.59
CA ARG A 479 14.52 12.49 -0.47
C ARG A 479 13.77 11.18 -0.71
N ARG A 480 13.46 10.47 0.38
CA ARG A 480 12.72 9.21 0.29
C ARG A 480 11.31 9.44 -0.27
N TRP A 481 10.67 10.53 0.16
CA TRP A 481 9.34 10.85 -0.31
C TRP A 481 9.31 11.11 -1.82
N ARG A 482 10.28 11.88 -2.30
CA ARG A 482 10.35 12.20 -3.71
C ARG A 482 10.45 10.92 -4.51
N GLU A 483 11.17 9.94 -3.97
CA GLU A 483 11.35 8.66 -4.64
C GLU A 483 10.04 7.86 -4.57
N ALA A 484 9.21 8.18 -3.57
CA ALA A 484 7.93 7.50 -3.41
C ALA A 484 6.93 8.03 -4.46
N VAL A 485 6.92 9.34 -4.62
CA VAL A 485 6.04 9.99 -5.58
C VAL A 485 6.28 9.41 -6.95
N GLU A 486 7.55 9.25 -7.32
CA GLU A 486 7.91 8.69 -8.61
C GLU A 486 7.26 7.33 -8.79
N ARG A 487 7.40 6.47 -7.78
CA ARG A 487 6.82 5.14 -7.86
C ARG A 487 5.30 5.17 -7.88
N ALA A 488 4.72 6.33 -7.62
CA ALA A 488 3.28 6.47 -7.63
C ALA A 488 2.79 7.03 -8.96
N LYS A 489 3.62 7.86 -9.58
CA LYS A 489 3.25 8.48 -10.85
C LYS A 489 2.87 7.49 -11.95
N GLY A 490 1.93 7.94 -12.78
CA GLY A 490 1.43 7.17 -13.91
C GLY A 490 1.23 5.69 -13.69
N TRP A 491 0.15 5.33 -13.02
CA TRP A 491 -0.16 3.93 -12.79
C TRP A 491 -1.34 3.54 -13.70
N ALA A 492 -2.20 4.49 -14.00
CA ALA A 492 -3.34 4.22 -14.86
C ALA A 492 -2.94 4.34 -16.32
N ARG A 493 -3.76 3.78 -17.21
CA ARG A 493 -3.46 3.80 -18.64
C ARG A 493 -3.83 5.12 -19.32
N GLU A 494 -2.94 5.59 -20.20
CA GLU A 494 -3.17 6.85 -20.90
C GLU A 494 -3.81 6.65 -22.28
N PHE B 3 3.33 -48.97 10.82
CA PHE B 3 3.32 -47.57 11.35
C PHE B 3 4.53 -46.73 10.95
N LEU B 4 4.27 -45.55 10.40
CA LEU B 4 5.31 -44.63 9.98
C LEU B 4 5.15 -43.33 10.74
N LEU B 5 6.28 -42.77 11.19
CA LEU B 5 6.24 -41.53 11.94
C LEU B 5 7.09 -40.45 11.28
N ALA B 6 6.44 -39.29 11.04
CA ALA B 6 7.17 -38.20 10.42
C ALA B 6 7.24 -36.98 11.35
N LEU B 7 8.47 -36.51 11.55
CA LEU B 7 8.64 -35.25 12.27
C LEU B 7 8.87 -34.09 11.30
N ASP B 8 7.86 -33.21 11.22
CA ASP B 8 7.93 -32.08 10.30
C ASP B 8 8.20 -30.77 11.06
N GLN B 9 9.49 -30.38 11.08
CA GLN B 9 9.85 -29.15 11.78
C GLN B 9 9.65 -27.91 10.90
N GLY B 10 8.53 -27.24 11.07
CA GLY B 10 8.22 -26.07 10.27
C GLY B 10 8.71 -24.76 10.85
N THR B 11 8.57 -23.70 10.08
CA THR B 11 9.02 -22.40 10.51
C THR B 11 8.16 -21.81 11.62
N THR B 12 6.84 -22.00 11.55
CA THR B 12 5.97 -21.45 12.58
C THR B 12 5.48 -22.43 13.66
N SER B 13 5.69 -23.72 13.45
CA SER B 13 5.25 -24.72 14.43
C SER B 13 5.80 -26.13 14.19
N SER B 14 5.72 -26.96 15.22
CA SER B 14 6.22 -28.33 15.13
C SER B 14 5.08 -29.30 14.86
N ARG B 15 5.25 -30.08 13.80
CA ARG B 15 4.22 -31.03 13.39
C ARG B 15 4.74 -32.46 13.43
N ALA B 16 3.89 -33.36 13.90
CA ALA B 16 4.20 -34.77 13.99
C ALA B 16 3.02 -35.58 13.44
N ILE B 17 3.32 -36.48 12.52
CA ILE B 17 2.28 -37.29 11.90
C ILE B 17 2.67 -38.77 11.86
N LEU B 18 1.75 -39.61 12.32
CA LEU B 18 1.97 -41.04 12.31
C LEU B 18 1.04 -41.66 11.26
N PHE B 19 1.58 -41.89 10.06
CA PHE B 19 0.79 -42.48 8.99
C PHE B 19 0.93 -43.99 9.10
N THR B 20 0.46 -44.70 8.08
CA THR B 20 0.55 -46.15 8.02
C THR B 20 1.71 -46.51 7.12
N LEU B 21 1.58 -47.60 6.38
CA LEU B 21 2.61 -48.03 5.45
C LEU B 21 2.17 -47.72 4.04
N GLU B 22 0.88 -47.49 3.87
CA GLU B 22 0.34 -47.15 2.55
C GLU B 22 0.18 -45.63 2.42
N GLY B 23 0.55 -44.91 3.50
CA GLY B 23 0.50 -43.47 3.45
C GLY B 23 -0.62 -42.73 4.17
N ARG B 24 -1.63 -43.44 4.66
CA ARG B 24 -2.73 -42.78 5.34
C ARG B 24 -2.37 -42.37 6.77
N PRO B 25 -2.76 -41.15 7.18
CA PRO B 25 -2.47 -40.64 8.52
C PRO B 25 -3.41 -41.16 9.62
N VAL B 26 -2.86 -41.33 10.82
CA VAL B 26 -3.61 -41.84 11.96
C VAL B 26 -3.91 -40.76 12.99
N ALA B 27 -2.91 -39.96 13.33
CA ALA B 27 -3.09 -38.88 14.30
C ALA B 27 -2.15 -37.70 14.05
N VAL B 28 -2.50 -36.54 14.62
CA VAL B 28 -1.72 -35.32 14.45
C VAL B 28 -1.62 -34.47 15.72
N ALA B 29 -0.46 -33.85 15.89
CA ALA B 29 -0.20 -32.97 17.03
C ALA B 29 0.69 -31.82 16.54
N LYS B 30 0.21 -30.59 16.72
CA LYS B 30 0.95 -29.42 16.28
C LYS B 30 1.04 -28.36 17.38
N ARG B 31 2.22 -27.75 17.51
CA ARG B 31 2.45 -26.70 18.51
C ARG B 31 3.38 -25.59 18.03
N GLU B 32 2.88 -24.36 18.07
CA GLU B 32 3.66 -23.20 17.66
C GLU B 32 4.80 -22.94 18.62
N PHE B 33 5.69 -22.05 18.22
CA PHE B 33 6.83 -21.69 19.05
C PHE B 33 7.38 -20.32 18.67
N ARG B 34 7.35 -19.41 19.63
CA ARG B 34 7.81 -18.03 19.49
C ARG B 34 8.86 -17.79 18.40
N GLN B 35 8.63 -16.74 17.61
CA GLN B 35 9.53 -16.35 16.53
C GLN B 35 10.36 -15.16 17.03
N LEU B 36 11.69 -15.32 17.05
CA LEU B 36 12.56 -14.24 17.53
C LEU B 36 12.85 -13.16 16.50
N TYR B 37 12.38 -11.95 16.77
CA TYR B 37 12.59 -10.80 15.88
C TYR B 37 13.54 -9.77 16.50
N PRO B 38 14.86 -10.01 16.41
CA PRO B 38 15.90 -9.16 16.98
C PRO B 38 15.81 -7.73 16.42
N LYS B 39 16.28 -7.61 15.16
CA LYS B 39 16.10 -6.36 14.44
C LYS B 39 15.27 -6.65 13.19
N PRO B 40 14.70 -5.59 12.57
CA PRO B 40 13.96 -5.80 11.34
C PRO B 40 14.78 -6.63 10.36
N GLY B 41 14.08 -7.49 9.59
CA GLY B 41 14.77 -8.34 8.61
C GLY B 41 15.53 -9.49 9.28
N TRP B 42 15.53 -9.53 10.60
CA TRP B 42 16.20 -10.60 11.34
C TRP B 42 15.15 -11.56 11.87
N VAL B 43 15.38 -12.85 11.70
CA VAL B 43 14.45 -13.87 12.18
C VAL B 43 15.22 -14.98 12.90
N GLU B 44 15.03 -15.06 14.22
CA GLU B 44 15.72 -16.06 15.02
C GLU B 44 14.79 -17.09 15.67
N HIS B 45 15.32 -18.30 15.87
CA HIS B 45 14.57 -19.40 16.48
C HIS B 45 15.35 -20.02 17.65
N ASP B 46 14.66 -20.21 18.77
CA ASP B 46 15.23 -20.80 19.97
C ASP B 46 15.38 -22.32 19.77
N PRO B 47 16.62 -22.80 19.53
CA PRO B 47 16.92 -24.22 19.31
C PRO B 47 16.31 -25.16 20.36
N LEU B 48 15.95 -24.59 21.50
CA LEU B 48 15.33 -25.33 22.59
C LEU B 48 13.83 -25.34 22.32
N GLU B 49 13.27 -24.15 22.11
CA GLU B 49 11.85 -24.00 21.81
C GLU B 49 11.43 -24.96 20.69
N ILE B 50 12.40 -25.29 19.83
CA ILE B 50 12.18 -26.19 18.71
C ILE B 50 12.13 -27.66 19.15
N TRP B 51 13.18 -28.10 19.82
CA TRP B 51 13.26 -29.49 20.26
C TRP B 51 12.19 -29.88 21.29
N GLU B 52 11.71 -28.91 22.07
CA GLU B 52 10.71 -29.20 23.09
C GLU B 52 9.31 -29.29 22.50
N THR B 53 9.23 -29.15 21.19
CA THR B 53 7.95 -29.23 20.50
C THR B 53 7.99 -30.34 19.44
N THR B 54 9.20 -30.74 19.07
CA THR B 54 9.37 -31.82 18.08
C THR B 54 9.20 -33.13 18.84
N LEU B 55 9.43 -33.06 20.14
CA LEU B 55 9.30 -34.22 21.01
C LEU B 55 7.88 -34.21 21.56
N TRP B 56 7.43 -33.05 22.01
CA TRP B 56 6.09 -32.89 22.56
C TRP B 56 5.03 -33.41 21.61
N ALA B 57 5.35 -33.40 20.32
CA ALA B 57 4.41 -33.86 19.32
C ALA B 57 4.66 -35.32 18.93
N ALA B 58 5.92 -35.74 18.98
CA ALA B 58 6.25 -37.12 18.65
C ALA B 58 5.47 -38.02 19.62
N ARG B 59 5.40 -37.59 20.87
CA ARG B 59 4.68 -38.33 21.90
C ARG B 59 3.16 -38.15 21.76
N GLU B 60 2.76 -36.90 21.55
CA GLU B 60 1.34 -36.56 21.42
C GLU B 60 0.62 -37.37 20.35
N VAL B 61 1.30 -37.67 19.26
CA VAL B 61 0.67 -38.45 18.19
C VAL B 61 0.40 -39.86 18.68
N LEU B 62 1.47 -40.57 19.07
CA LEU B 62 1.36 -41.93 19.57
C LEU B 62 0.20 -42.01 20.57
N ARG B 63 0.07 -40.98 21.38
CA ARG B 63 -0.98 -40.87 22.39
C ARG B 63 -2.35 -40.80 21.72
N ARG B 64 -2.59 -39.74 20.96
CA ARG B 64 -3.86 -39.56 20.28
C ARG B 64 -4.14 -40.71 19.31
N ALA B 65 -3.15 -41.57 19.11
CA ALA B 65 -3.30 -42.71 18.21
C ALA B 65 -3.55 -43.97 19.02
N GLY B 66 -2.86 -44.08 20.15
CA GLY B 66 -3.01 -45.24 20.99
C GLY B 66 -2.00 -46.28 20.55
N ALA B 67 -0.99 -45.83 19.82
CA ALA B 67 0.06 -46.74 19.37
C ALA B 67 1.28 -46.64 20.29
N GLU B 68 1.97 -47.79 20.43
CA GLU B 68 3.21 -47.76 21.19
C GLU B 68 4.44 -47.73 20.28
N ALA B 69 5.46 -47.00 20.74
CA ALA B 69 6.65 -46.78 19.91
C ALA B 69 7.21 -48.07 19.32
N GLY B 70 7.10 -49.16 20.11
CA GLY B 70 7.62 -50.44 19.63
C GLY B 70 7.08 -50.78 18.23
N GLU B 71 5.85 -50.31 17.97
CA GLU B 71 5.21 -50.61 16.70
C GLU B 71 5.92 -49.92 15.52
N VAL B 72 6.16 -48.63 15.64
CA VAL B 72 6.82 -47.85 14.58
C VAL B 72 7.95 -48.58 13.87
N LEU B 73 7.88 -48.62 12.55
CA LEU B 73 8.89 -49.29 11.74
C LEU B 73 10.10 -48.40 11.61
N ALA B 74 9.87 -47.22 11.02
CA ALA B 74 10.94 -46.26 10.79
C ALA B 74 10.49 -44.83 11.04
N LEU B 75 11.46 -43.93 11.07
CA LEU B 75 11.20 -42.52 11.30
C LEU B 75 11.59 -41.68 10.09
N GLY B 76 10.84 -40.59 9.90
CA GLY B 76 11.12 -39.69 8.80
C GLY B 76 11.25 -38.27 9.31
N ILE B 77 12.30 -37.59 8.85
CA ILE B 77 12.55 -36.21 9.27
C ILE B 77 12.42 -35.19 8.15
N THR B 78 11.57 -34.21 8.38
CA THR B 78 11.35 -33.14 7.43
C THR B 78 11.32 -31.87 8.27
N ASN B 79 12.12 -30.90 7.87
CA ASN B 79 12.28 -29.66 8.64
C ASN B 79 12.26 -28.41 7.77
N GLN B 80 12.40 -27.25 8.44
CA GLN B 80 12.71 -26.02 7.70
C GLN B 80 13.96 -26.29 6.86
N ARG B 81 14.25 -25.40 5.91
CA ARG B 81 15.31 -25.78 4.98
C ARG B 81 16.69 -25.21 5.28
N GLU B 82 16.83 -23.87 5.22
CA GLU B 82 18.18 -23.29 5.32
C GLU B 82 18.54 -22.84 6.75
N THR B 83 17.54 -22.76 7.63
CA THR B 83 17.75 -22.33 9.01
C THR B 83 18.97 -23.00 9.65
N THR B 84 19.95 -22.19 10.05
CA THR B 84 21.18 -22.70 10.64
C THR B 84 21.42 -22.50 12.13
N LEU B 85 21.98 -23.53 12.76
CA LEU B 85 22.31 -23.52 14.18
C LEU B 85 23.78 -23.82 14.38
N LEU B 86 24.28 -23.44 15.55
CA LEU B 86 25.67 -23.65 15.92
C LEU B 86 25.64 -24.02 17.41
N TRP B 87 26.16 -25.20 17.74
CA TRP B 87 26.17 -25.67 19.14
C TRP B 87 27.43 -26.49 19.47
N ASP B 88 27.66 -26.68 20.77
CA ASP B 88 28.82 -27.42 21.27
C ASP B 88 28.52 -28.93 21.37
N ARG B 89 29.43 -29.75 20.85
CA ARG B 89 29.28 -31.20 20.87
C ARG B 89 29.12 -31.79 22.26
N LYS B 90 29.99 -31.37 23.17
CA LYS B 90 29.95 -31.86 24.55
C LYS B 90 28.65 -31.53 25.28
N THR B 91 28.42 -30.24 25.53
CA THR B 91 27.22 -29.82 26.23
C THR B 91 25.92 -30.09 25.49
N GLY B 92 25.95 -30.03 24.16
CA GLY B 92 24.72 -30.24 23.42
C GLY B 92 23.81 -29.03 23.56
N LYS B 93 24.51 -27.89 23.77
CA LYS B 93 23.90 -26.61 24.06
C LYS B 93 24.08 -25.64 22.89
N PRO B 94 23.06 -24.81 22.60
CA PRO B 94 23.15 -23.78 21.56
C PRO B 94 24.02 -22.59 21.97
N LEU B 95 25.08 -22.33 21.20
CA LEU B 95 25.99 -21.22 21.49
C LEU B 95 25.47 -19.90 20.92
N HIS B 96 24.23 -19.93 20.41
CA HIS B 96 23.57 -18.75 19.85
C HIS B 96 22.23 -19.16 19.22
N ASN B 97 21.24 -18.28 19.29
CA ASN B 97 19.92 -18.56 18.72
C ASN B 97 20.01 -19.04 17.28
N ALA B 98 18.91 -19.57 16.77
CA ALA B 98 18.87 -20.08 15.40
C ALA B 98 18.61 -18.96 14.38
N ILE B 99 19.44 -18.91 13.35
CA ILE B 99 19.30 -17.92 12.28
C ILE B 99 18.48 -18.59 11.17
N VAL B 100 17.20 -18.20 11.09
CA VAL B 100 16.27 -18.76 10.11
C VAL B 100 16.55 -18.37 8.66
N TRP B 101 16.10 -19.20 7.72
CA TRP B 101 16.26 -18.92 6.30
C TRP B 101 15.65 -17.56 5.95
N GLN B 102 14.80 -17.05 6.83
CA GLN B 102 14.14 -15.78 6.62
C GLN B 102 15.01 -14.58 6.94
N ASP B 103 16.22 -14.82 7.46
CA ASP B 103 17.14 -13.74 7.79
C ASP B 103 17.64 -12.94 6.59
N ARG B 104 17.70 -11.62 6.76
CA ARG B 104 18.16 -10.70 5.71
C ARG B 104 19.38 -9.91 6.23
N ARG B 105 20.26 -10.59 6.94
CA ARG B 105 21.43 -9.94 7.51
C ARG B 105 22.72 -10.03 6.70
N THR B 106 23.01 -11.20 6.16
CA THR B 106 24.24 -11.39 5.41
C THR B 106 24.32 -10.72 4.02
N THR B 107 23.42 -9.78 3.74
CA THR B 107 23.43 -9.12 2.43
C THR B 107 24.79 -8.57 2.00
N PRO B 108 25.36 -7.63 2.78
CA PRO B 108 26.66 -7.07 2.40
C PRO B 108 27.69 -8.10 1.94
N LEU B 109 27.83 -9.19 2.68
CA LEU B 109 28.79 -10.22 2.30
C LEU B 109 28.49 -10.72 0.89
N CYS B 110 27.24 -11.09 0.64
CA CYS B 110 26.86 -11.58 -0.67
C CYS B 110 27.33 -10.58 -1.70
N GLU B 111 27.21 -9.30 -1.35
CA GLU B 111 27.62 -8.23 -2.27
C GLU B 111 29.14 -8.25 -2.44
N ALA B 112 29.85 -8.42 -1.34
CA ALA B 112 31.30 -8.47 -1.40
C ALA B 112 31.68 -9.69 -2.24
N LEU B 113 31.24 -10.87 -1.81
CA LEU B 113 31.59 -12.09 -2.52
C LEU B 113 31.24 -11.98 -4.00
N ARG B 114 30.20 -11.23 -4.32
CA ARG B 114 29.81 -11.01 -5.71
C ARG B 114 30.85 -10.18 -6.42
N ALA B 115 31.43 -9.23 -5.70
CA ALA B 115 32.46 -8.35 -6.24
C ALA B 115 33.73 -9.13 -6.57
N LYS B 116 34.09 -10.07 -5.70
CA LYS B 116 35.28 -10.90 -5.90
C LYS B 116 35.18 -11.76 -7.15
N GLY B 117 34.02 -11.73 -7.80
CA GLY B 117 33.78 -12.47 -9.03
C GLY B 117 33.41 -13.95 -8.78
N LEU B 118 33.10 -14.27 -7.51
CA LEU B 118 32.85 -15.67 -7.15
C LEU B 118 31.44 -16.16 -7.53
N GLU B 119 30.56 -15.20 -7.83
CA GLU B 119 29.15 -15.56 -8.04
C GLU B 119 28.97 -16.72 -9.02
N PRO B 120 29.65 -16.62 -10.18
CA PRO B 120 29.61 -17.67 -11.20
C PRO B 120 30.08 -19.05 -10.70
N LEU B 121 31.14 -19.06 -9.86
CA LEU B 121 31.65 -20.35 -9.37
C LEU B 121 30.62 -21.11 -8.51
N PHE B 122 29.80 -20.35 -7.80
CA PHE B 122 28.80 -20.97 -6.95
C PHE B 122 27.48 -21.33 -7.64
N ARG B 123 27.07 -20.54 -8.63
CA ARG B 123 25.81 -20.84 -9.30
C ARG B 123 25.95 -22.06 -10.21
N GLU B 124 27.18 -22.37 -10.62
CA GLU B 124 27.40 -23.53 -11.48
C GLU B 124 27.92 -24.75 -10.69
N ARG B 125 28.03 -24.58 -9.38
CA ARG B 125 28.50 -25.66 -8.52
C ARG B 125 27.38 -26.08 -7.57
N THR B 126 26.85 -25.10 -6.85
CA THR B 126 25.78 -25.35 -5.89
C THR B 126 24.40 -25.10 -6.48
N GLY B 127 24.36 -24.64 -7.73
CA GLY B 127 23.10 -24.35 -8.37
C GLY B 127 22.31 -23.29 -7.62
N LEU B 128 22.99 -22.58 -6.73
CA LEU B 128 22.35 -21.55 -5.95
C LEU B 128 22.84 -20.19 -6.44
N LEU B 129 22.94 -19.24 -5.51
CA LEU B 129 23.39 -17.89 -5.81
C LEU B 129 23.67 -17.20 -4.48
N PHE B 130 24.29 -16.03 -4.51
CA PHE B 130 24.60 -15.30 -3.28
C PHE B 130 23.39 -14.53 -2.76
N ASP B 131 22.85 -14.97 -1.63
CA ASP B 131 21.69 -14.30 -1.04
C ASP B 131 21.55 -14.66 0.43
N PRO B 132 21.02 -13.73 1.23
CA PRO B 132 20.81 -13.89 2.68
C PRO B 132 19.87 -15.06 3.00
N TYR B 133 19.49 -15.79 1.97
CA TYR B 133 18.58 -16.91 2.12
C TYR B 133 19.35 -18.13 2.60
N PHE B 134 20.25 -18.63 1.75
CA PHE B 134 21.01 -19.84 2.05
C PHE B 134 21.83 -19.71 3.35
N SER B 135 22.19 -20.88 3.91
CA SER B 135 22.87 -20.91 5.21
C SER B 135 24.35 -20.53 5.14
N GLY B 136 24.91 -20.62 3.91
CA GLY B 136 26.34 -20.37 3.73
C GLY B 136 26.83 -19.10 4.45
N THR B 137 26.31 -17.94 4.00
CA THR B 137 26.70 -16.69 4.67
C THR B 137 26.14 -16.62 6.09
N LYS B 138 24.98 -17.27 6.28
CA LYS B 138 24.35 -17.29 7.60
C LYS B 138 25.31 -17.82 8.67
N LEU B 139 26.23 -18.68 8.25
CA LEU B 139 27.22 -19.29 9.14
C LEU B 139 28.37 -18.31 9.40
N VAL B 140 28.96 -17.81 8.31
CA VAL B 140 30.07 -16.85 8.39
C VAL B 140 29.78 -15.72 9.38
N TRP B 141 28.55 -15.24 9.38
CA TRP B 141 28.16 -14.17 10.29
C TRP B 141 28.43 -14.66 11.71
N LEU B 142 27.74 -15.72 12.11
CA LEU B 142 27.91 -16.33 13.43
C LEU B 142 29.36 -16.71 13.69
N LEU B 143 30.01 -17.23 12.65
CA LEU B 143 31.40 -17.69 12.71
C LEU B 143 32.40 -16.55 12.62
N GLU B 144 31.96 -15.33 12.95
CA GLU B 144 32.82 -14.14 12.92
C GLU B 144 32.20 -12.98 13.70
N ASN B 145 31.06 -13.26 14.36
CA ASN B 145 30.36 -12.18 15.06
C ASN B 145 30.10 -12.49 16.53
N VAL B 146 29.56 -13.69 16.78
CA VAL B 146 29.48 -14.12 18.17
C VAL B 146 30.87 -13.99 18.85
N PRO B 147 30.83 -13.50 20.11
CA PRO B 147 31.96 -13.02 20.92
C PRO B 147 33.37 -13.45 20.45
N GLY B 148 33.68 -14.77 20.54
CA GLY B 148 35.00 -15.25 20.13
C GLY B 148 34.93 -16.66 19.54
N LEU B 149 33.89 -16.88 18.72
CA LEU B 149 33.47 -18.20 18.25
C LEU B 149 34.29 -18.73 17.05
N LYS B 150 35.04 -17.84 16.38
CA LYS B 150 35.69 -18.37 15.18
C LYS B 150 36.91 -19.27 15.50
N ALA B 151 37.46 -19.17 16.72
CA ALA B 151 38.64 -19.97 17.04
C ALA B 151 38.26 -21.33 17.61
N ARG B 152 37.27 -21.29 18.53
CA ARG B 152 36.70 -22.51 19.10
C ARG B 152 36.46 -23.57 18.03
N ALA B 153 35.83 -23.10 16.94
CA ALA B 153 35.42 -24.04 15.89
C ALA B 153 36.54 -24.30 14.89
N GLU B 154 37.78 -24.14 15.32
CA GLU B 154 38.91 -24.41 14.45
C GLU B 154 39.43 -25.81 14.70
N GLY B 155 39.06 -26.39 15.85
CA GLY B 155 39.52 -27.71 16.21
C GLY B 155 38.47 -28.80 16.14
N GLY B 156 37.20 -28.42 16.13
CA GLY B 156 36.13 -29.39 16.05
C GLY B 156 35.22 -29.46 17.27
N GLY B 157 35.54 -28.69 18.31
CA GLY B 157 34.72 -28.69 19.51
C GLY B 157 33.30 -28.21 19.26
N VAL B 158 33.12 -27.48 18.16
CA VAL B 158 31.81 -26.93 17.80
C VAL B 158 31.20 -27.70 16.63
N ALA B 159 29.87 -27.76 16.61
CA ALA B 159 29.17 -28.46 15.55
C ALA B 159 28.06 -27.61 14.94
N PHE B 160 28.07 -27.55 13.61
CA PHE B 160 27.06 -26.80 12.85
C PHE B 160 25.97 -27.78 12.46
N GLY B 161 24.82 -27.25 12.04
CA GLY B 161 23.74 -28.12 11.62
C GLY B 161 22.44 -27.42 11.27
N THR B 162 21.80 -27.94 10.23
CA THR B 162 20.52 -27.42 9.78
C THR B 162 19.49 -28.05 10.71
N VAL B 163 18.30 -27.46 10.81
CA VAL B 163 17.27 -28.00 11.70
C VAL B 163 17.10 -29.52 11.59
N ASP B 164 17.67 -30.13 10.55
CA ASP B 164 17.55 -31.58 10.42
C ASP B 164 18.63 -32.27 11.24
N THR B 165 19.88 -31.91 10.99
CA THR B 165 21.01 -32.50 11.73
C THR B 165 20.84 -32.20 13.21
N TRP B 166 20.18 -31.09 13.52
CA TRP B 166 19.92 -30.70 14.90
C TRP B 166 18.96 -31.70 15.54
N LEU B 167 17.98 -32.17 14.76
CA LEU B 167 17.01 -33.13 15.27
C LEU B 167 17.70 -34.46 15.48
N ILE B 168 18.44 -34.90 14.45
CA ILE B 168 19.18 -36.15 14.53
C ILE B 168 19.93 -36.14 15.85
N TRP B 169 20.59 -35.02 16.13
CA TRP B 169 21.34 -34.85 17.36
C TRP B 169 20.43 -35.18 18.54
N ASN B 170 19.56 -34.24 18.90
CA ASN B 170 18.63 -34.40 20.02
C ASN B 170 17.97 -35.77 20.10
N LEU B 171 17.96 -36.51 19.00
CA LEU B 171 17.35 -37.84 18.97
C LEU B 171 18.35 -38.95 19.30
N THR B 172 19.64 -38.62 19.29
CA THR B 172 20.67 -39.59 19.58
C THR B 172 21.73 -39.03 20.53
N GLY B 173 21.33 -38.08 21.37
CA GLY B 173 22.24 -37.47 22.32
C GLY B 173 23.70 -37.34 21.91
N GLY B 174 23.93 -36.78 20.72
CA GLY B 174 25.29 -36.60 20.24
C GLY B 174 25.80 -37.78 19.41
N LYS B 175 25.07 -38.89 19.44
CA LYS B 175 25.47 -40.09 18.71
C LYS B 175 25.71 -39.81 17.23
N VAL B 176 24.64 -39.57 16.48
CA VAL B 176 24.76 -39.30 15.06
C VAL B 176 24.63 -37.81 14.75
N HIS B 177 25.59 -37.32 13.96
CA HIS B 177 25.65 -35.92 13.55
C HIS B 177 25.76 -35.87 12.02
N ALA B 178 24.62 -35.71 11.34
CA ALA B 178 24.64 -35.64 9.88
C ALA B 178 23.35 -35.05 9.28
N THR B 179 23.36 -34.98 7.93
CA THR B 179 22.21 -34.48 7.17
C THR B 179 22.18 -35.08 5.76
N ASP B 180 20.98 -35.04 5.13
CA ASP B 180 20.84 -35.58 3.78
C ASP B 180 21.28 -34.56 2.72
N PRO B 181 21.60 -35.08 1.51
CA PRO B 181 22.06 -34.24 0.42
C PRO B 181 21.20 -32.99 0.23
N THR B 182 19.89 -33.19 0.01
CA THR B 182 18.98 -32.07 -0.19
C THR B 182 19.13 -31.00 0.87
N ASN B 183 18.86 -31.34 2.13
CA ASN B 183 18.97 -30.36 3.22
C ASN B 183 20.32 -29.65 3.19
N ALA B 184 21.25 -30.20 2.42
CA ALA B 184 22.60 -29.63 2.28
C ALA B 184 22.75 -28.93 0.94
N SER B 185 22.00 -29.36 -0.05
CA SER B 185 22.05 -28.75 -1.38
C SER B 185 21.65 -27.29 -1.27
N ARG B 186 20.82 -27.00 -0.28
CA ARG B 186 20.36 -25.65 -0.06
C ARG B 186 21.34 -24.96 0.89
N THR B 187 22.60 -25.39 0.82
CA THR B 187 23.69 -24.83 1.62
C THR B 187 24.74 -24.44 0.59
N LEU B 188 25.29 -23.23 0.74
CA LEU B 188 26.26 -22.73 -0.23
C LEU B 188 27.52 -23.57 -0.45
N LEU B 189 27.78 -24.51 0.46
CA LEU B 189 28.98 -25.36 0.37
C LEU B 189 28.85 -26.63 -0.48
N PHE B 190 27.70 -27.29 -0.37
CA PHE B 190 27.44 -28.53 -1.10
C PHE B 190 27.54 -28.43 -2.63
N ASN B 191 28.33 -29.33 -3.23
CA ASN B 191 28.44 -29.36 -4.68
C ASN B 191 27.35 -30.33 -5.13
N LEU B 192 26.65 -30.02 -6.22
CA LEU B 192 25.58 -30.90 -6.67
C LEU B 192 25.96 -31.88 -7.77
N HIS B 193 27.21 -31.84 -8.23
CA HIS B 193 27.74 -32.72 -9.25
C HIS B 193 28.48 -33.91 -8.65
N THR B 194 29.23 -33.61 -7.57
CA THR B 194 30.04 -34.66 -6.96
C THR B 194 29.37 -35.25 -5.71
N LEU B 195 28.20 -34.68 -5.38
CA LEU B 195 27.40 -35.21 -4.27
C LEU B 195 28.17 -35.24 -2.96
N ALA B 196 29.08 -34.27 -2.85
CA ALA B 196 29.76 -34.05 -1.58
C ALA B 196 30.30 -32.64 -1.53
N TRP B 197 30.54 -32.08 -0.36
CA TRP B 197 31.00 -30.71 -0.25
C TRP B 197 32.26 -30.46 -1.08
N ASP B 198 32.37 -29.28 -1.65
CA ASP B 198 33.53 -28.93 -2.46
C ASP B 198 34.57 -28.23 -1.58
N PRO B 199 35.82 -28.70 -1.62
CA PRO B 199 36.89 -28.12 -0.81
C PRO B 199 37.05 -26.62 -1.05
N GLU B 200 37.11 -26.22 -2.31
CA GLU B 200 37.26 -24.81 -2.67
C GLU B 200 36.28 -23.94 -1.90
N LEU B 201 34.99 -24.16 -2.14
CA LEU B 201 33.94 -23.39 -1.46
C LEU B 201 34.24 -23.18 0.02
N LEU B 202 34.34 -24.27 0.77
CA LEU B 202 34.62 -24.19 2.19
C LEU B 202 35.68 -23.16 2.53
N GLU B 203 36.75 -23.12 1.74
CA GLU B 203 37.81 -22.17 1.99
C GLU B 203 37.34 -20.80 1.49
N ALA B 204 36.75 -20.76 0.31
CA ALA B 204 36.27 -19.51 -0.29
C ALA B 204 35.53 -18.63 0.71
N LEU B 205 34.97 -19.24 1.75
CA LEU B 205 34.27 -18.50 2.80
C LEU B 205 35.02 -18.58 4.12
N GLY B 206 36.11 -19.35 4.14
CA GLY B 206 36.92 -19.47 5.34
C GLY B 206 36.36 -20.44 6.38
N ILE B 207 35.09 -20.79 6.22
CA ILE B 207 34.43 -21.71 7.14
C ILE B 207 35.19 -23.05 7.11
N PRO B 208 35.62 -23.55 8.28
CA PRO B 208 36.34 -24.81 8.41
C PRO B 208 35.46 -26.04 8.27
N ALA B 209 35.94 -27.03 7.53
CA ALA B 209 35.20 -28.28 7.34
C ALA B 209 35.28 -29.10 8.63
N ALA B 210 35.14 -28.44 9.76
CA ALA B 210 35.23 -29.11 11.05
C ALA B 210 33.93 -29.16 11.85
N LEU B 211 32.87 -28.59 11.30
CA LEU B 211 31.57 -28.61 11.98
C LEU B 211 30.49 -29.07 11.01
N LEU B 212 30.93 -29.65 9.90
CA LEU B 212 30.03 -30.12 8.86
C LEU B 212 29.54 -31.56 9.09
N PRO B 213 28.23 -31.78 8.95
CA PRO B 213 27.61 -33.10 9.11
C PRO B 213 28.05 -34.05 7.99
N GLU B 214 27.40 -35.24 7.92
CA GLU B 214 27.82 -36.26 6.96
C GLU B 214 26.80 -36.43 5.83
N VAL B 215 27.32 -36.56 4.59
CA VAL B 215 26.45 -36.66 3.42
C VAL B 215 25.76 -38.02 3.28
N ARG B 216 24.82 -38.31 4.21
CA ARG B 216 24.05 -39.57 4.11
C ARG B 216 22.81 -39.42 3.24
N PRO B 217 22.53 -40.39 2.34
CA PRO B 217 21.34 -40.30 1.51
C PRO B 217 20.09 -40.18 2.39
N SER B 218 19.02 -39.62 1.83
CA SER B 218 17.78 -39.40 2.57
C SER B 218 17.04 -40.65 3.03
N ASP B 219 17.38 -41.80 2.47
CA ASP B 219 16.73 -43.04 2.85
C ASP B 219 17.63 -43.96 3.68
N GLY B 220 18.89 -43.56 3.83
CA GLY B 220 19.84 -44.35 4.57
C GLY B 220 19.59 -44.47 6.07
N ASP B 221 20.64 -44.85 6.79
CA ASP B 221 20.56 -45.01 8.24
C ASP B 221 21.02 -43.75 8.96
N PHE B 222 20.16 -43.26 9.86
CA PHE B 222 20.46 -42.08 10.64
C PHE B 222 20.36 -42.39 12.13
N GLY B 223 20.92 -43.53 12.51
CA GLY B 223 20.91 -43.95 13.90
C GLY B 223 19.56 -44.42 14.41
N GLU B 224 19.45 -44.55 15.72
CA GLU B 224 18.21 -44.99 16.35
C GLU B 224 17.92 -44.05 17.50
N THR B 225 16.67 -43.61 17.59
CA THR B 225 16.25 -42.69 18.64
C THR B 225 16.52 -43.21 20.05
N LEU B 226 16.63 -42.28 21.00
CA LEU B 226 16.87 -42.62 22.39
C LEU B 226 15.60 -43.25 22.93
N PRO B 227 15.75 -44.34 23.72
CA PRO B 227 14.63 -45.06 24.31
C PRO B 227 13.70 -44.24 25.22
N GLU B 228 14.28 -43.45 26.12
CA GLU B 228 13.51 -42.65 27.06
C GLU B 228 12.75 -41.47 26.43
N LEU B 229 13.13 -41.10 25.21
CA LEU B 229 12.47 -39.98 24.51
C LEU B 229 11.03 -40.31 24.12
N LEU B 230 10.87 -41.27 23.22
CA LEU B 230 9.56 -41.69 22.77
C LEU B 230 9.04 -42.83 23.65
N GLY B 231 9.95 -43.73 23.99
CA GLY B 231 9.58 -44.86 24.83
C GLY B 231 10.11 -46.16 24.27
N ALA B 232 11.03 -46.06 23.32
CA ALA B 232 11.63 -47.24 22.70
C ALA B 232 12.53 -46.83 21.54
N PRO B 233 13.42 -47.72 21.11
CA PRO B 233 14.36 -47.46 20.01
C PRO B 233 13.64 -47.50 18.66
N VAL B 234 13.61 -46.36 17.98
CA VAL B 234 12.95 -46.25 16.68
C VAL B 234 13.98 -45.96 15.58
N PRO B 235 13.97 -46.73 14.50
CA PRO B 235 14.92 -46.52 13.40
C PRO B 235 14.53 -45.33 12.52
N ILE B 236 15.48 -44.44 12.27
CA ILE B 236 15.23 -43.26 11.42
C ILE B 236 15.86 -43.50 10.05
N ARG B 237 15.02 -43.70 9.03
CA ARG B 237 15.53 -43.94 7.69
C ARG B 237 15.11 -42.83 6.76
N GLY B 238 14.50 -41.79 7.33
CA GLY B 238 14.06 -40.67 6.52
C GLY B 238 14.34 -39.29 7.07
N VAL B 239 15.04 -38.49 6.28
CA VAL B 239 15.38 -37.12 6.63
C VAL B 239 15.41 -36.42 5.28
N LEU B 240 14.70 -35.30 5.17
CA LEU B 240 14.62 -34.59 3.90
C LEU B 240 14.04 -33.20 4.05
N GLY B 241 14.59 -32.25 3.29
CA GLY B 241 14.10 -30.88 3.35
C GLY B 241 12.62 -30.84 2.99
N ASP B 242 11.83 -30.18 3.83
CA ASP B 242 10.39 -30.10 3.62
C ASP B 242 9.94 -29.99 2.17
N GLN B 243 10.45 -28.99 1.46
CA GLN B 243 10.06 -28.82 0.08
C GLN B 243 10.38 -30.08 -0.72
N GLN B 244 11.61 -30.59 -0.62
CA GLN B 244 11.97 -31.81 -1.36
C GLN B 244 11.09 -32.96 -0.89
N ALA B 245 10.67 -32.91 0.36
CA ALA B 245 9.82 -33.96 0.87
C ALA B 245 8.46 -33.81 0.20
N ALA B 246 7.88 -32.62 0.33
CA ALA B 246 6.58 -32.35 -0.25
C ALA B 246 6.51 -32.74 -1.73
N LEU B 247 7.64 -32.76 -2.43
CA LEU B 247 7.65 -33.15 -3.84
C LEU B 247 7.53 -34.65 -3.95
N PHE B 248 8.11 -35.35 -2.98
CA PHE B 248 8.08 -36.81 -2.95
C PHE B 248 6.70 -37.28 -2.50
N GLY B 249 6.09 -36.53 -1.60
CA GLY B 249 4.75 -36.88 -1.12
C GLY B 249 3.67 -36.65 -2.16
N GLN B 250 3.92 -35.72 -3.09
CA GLN B 250 2.97 -35.43 -4.15
C GLN B 250 3.16 -36.43 -5.27
N ALA B 251 4.14 -37.32 -5.10
CA ALA B 251 4.41 -38.35 -6.09
C ALA B 251 4.91 -37.77 -7.40
N ALA B 252 5.56 -36.61 -7.33
CA ALA B 252 6.08 -35.96 -8.53
C ALA B 252 7.40 -36.60 -8.92
N LEU B 253 7.35 -37.87 -9.30
CA LEU B 253 8.53 -38.63 -9.67
C LEU B 253 8.87 -38.52 -11.15
N GLY B 254 7.91 -38.06 -11.95
CA GLY B 254 8.15 -37.93 -13.38
C GLY B 254 8.82 -36.63 -13.77
N GLY B 255 9.75 -36.70 -14.72
CA GLY B 255 10.45 -35.52 -15.18
C GLY B 255 9.51 -34.56 -15.88
N GLY B 256 9.29 -33.40 -15.28
CA GLY B 256 8.38 -32.42 -15.84
C GLY B 256 7.20 -32.26 -14.89
N GLU B 257 7.19 -33.10 -13.86
CA GLU B 257 6.14 -33.08 -12.83
C GLU B 257 6.56 -32.04 -11.80
N GLY B 258 5.65 -31.13 -11.48
CA GLY B 258 5.95 -30.09 -10.50
C GLY B 258 4.85 -29.89 -9.48
N LYS B 259 5.18 -29.17 -8.42
CA LYS B 259 4.22 -28.88 -7.38
C LYS B 259 4.66 -27.63 -6.64
N CYS B 260 3.72 -27.02 -5.93
CA CYS B 260 4.01 -25.82 -5.19
C CYS B 260 3.40 -25.94 -3.79
N THR B 261 4.17 -25.61 -2.77
CA THR B 261 3.69 -25.67 -1.40
C THR B 261 3.50 -24.24 -0.90
N TYR B 262 2.36 -23.98 -0.27
CA TYR B 262 2.07 -22.64 0.22
C TYR B 262 2.00 -22.53 1.73
N GLY B 263 3.13 -22.20 2.34
CA GLY B 263 3.18 -22.05 3.79
C GLY B 263 3.50 -20.62 4.14
N THR B 264 4.48 -20.41 5.02
CA THR B 264 4.86 -19.05 5.39
C THR B 264 5.28 -18.39 4.07
N GLY B 265 5.97 -19.17 3.26
CA GLY B 265 6.41 -18.72 1.95
C GLY B 265 5.88 -19.72 0.94
N ALA B 266 6.39 -19.68 -0.29
CA ALA B 266 5.93 -20.60 -1.32
C ALA B 266 7.11 -21.14 -2.08
N PHE B 267 7.13 -22.44 -2.26
CA PHE B 267 8.22 -23.06 -2.97
C PHE B 267 7.72 -23.99 -4.05
N LEU B 268 8.07 -23.66 -5.29
CA LEU B 268 7.67 -24.45 -6.43
C LEU B 268 8.88 -25.26 -6.93
N LEU B 269 8.74 -26.59 -6.95
CA LEU B 269 9.84 -27.43 -7.43
C LEU B 269 9.39 -28.25 -8.61
N LEU B 270 10.29 -28.42 -9.57
CA LEU B 270 10.00 -29.18 -10.77
C LEU B 270 11.04 -30.26 -10.97
N ASN B 271 10.59 -31.50 -11.02
CA ASN B 271 11.48 -32.64 -11.23
C ASN B 271 12.20 -32.48 -12.57
N THR B 272 13.52 -32.48 -12.54
CA THR B 272 14.30 -32.30 -13.76
C THR B 272 15.08 -33.56 -14.12
N GLY B 273 14.83 -34.62 -13.36
CA GLY B 273 15.47 -35.90 -13.61
C GLY B 273 16.92 -36.11 -13.18
N LYS B 274 17.68 -36.75 -14.06
CA LYS B 274 19.08 -37.08 -13.81
C LYS B 274 20.02 -35.87 -13.67
N ARG B 275 20.08 -35.04 -14.70
CA ARG B 275 20.96 -33.87 -14.66
C ARG B 275 20.27 -32.67 -14.06
N PRO B 276 21.05 -31.70 -13.54
CA PRO B 276 20.52 -30.48 -12.93
C PRO B 276 20.41 -29.40 -14.00
N VAL B 277 19.29 -28.67 -14.01
CA VAL B 277 19.11 -27.60 -14.97
C VAL B 277 19.72 -26.33 -14.42
N LEU B 278 20.91 -25.98 -14.92
CA LEU B 278 21.51 -24.77 -14.42
C LEU B 278 20.87 -23.51 -15.03
N SER B 279 19.83 -23.06 -14.31
CA SER B 279 19.13 -21.86 -14.70
C SER B 279 20.00 -20.62 -14.50
N GLU B 280 19.64 -19.61 -15.27
CA GLU B 280 20.34 -18.33 -15.25
C GLU B 280 19.31 -17.21 -15.07
N LYS B 281 18.04 -17.53 -15.35
CA LYS B 281 16.93 -16.57 -15.24
C LYS B 281 16.52 -16.22 -13.82
N GLY B 282 16.98 -17.00 -12.84
CA GLY B 282 16.62 -16.72 -11.47
C GLY B 282 16.04 -17.89 -10.71
N LEU B 283 16.19 -19.08 -11.28
CA LEU B 283 15.70 -20.30 -10.63
C LEU B 283 16.89 -21.01 -10.00
N LEU B 284 16.62 -21.87 -9.04
CA LEU B 284 17.67 -22.60 -8.35
C LEU B 284 17.65 -24.07 -8.78
N ALA B 285 18.82 -24.67 -8.88
CA ALA B 285 18.90 -26.08 -9.22
C ALA B 285 19.17 -26.72 -7.88
N THR B 286 18.53 -27.86 -7.62
CA THR B 286 18.73 -28.53 -6.34
C THR B 286 18.39 -30.01 -6.41
N VAL B 287 18.75 -30.71 -5.35
CA VAL B 287 18.48 -32.13 -5.29
C VAL B 287 17.13 -32.31 -4.61
N ALA B 288 16.31 -33.18 -5.18
CA ALA B 288 15.00 -33.46 -4.62
C ALA B 288 15.16 -34.54 -3.55
N TRP B 289 16.01 -35.53 -3.83
CA TRP B 289 16.23 -36.62 -2.91
C TRP B 289 17.33 -37.55 -3.40
N SER B 290 17.91 -38.31 -2.48
CA SER B 290 18.99 -39.23 -2.79
C SER B 290 18.68 -40.66 -2.33
N LEU B 291 18.49 -41.59 -3.27
CA LEU B 291 18.20 -42.97 -2.93
C LEU B 291 19.47 -43.79 -2.78
N GLY B 292 19.82 -44.08 -1.53
CA GLY B 292 21.02 -44.85 -1.25
C GLY B 292 22.23 -44.41 -2.05
N GLY B 293 22.17 -43.24 -2.66
CA GLY B 293 23.30 -42.77 -3.44
C GLY B 293 22.95 -41.89 -4.63
N ARG B 294 22.28 -42.45 -5.63
CA ARG B 294 21.91 -41.66 -6.80
C ARG B 294 20.97 -40.52 -6.43
N ALA B 295 21.02 -39.46 -7.24
CA ALA B 295 20.21 -38.29 -7.01
C ALA B 295 19.37 -37.87 -8.21
N THR B 296 18.18 -37.36 -7.92
CA THR B 296 17.27 -36.87 -8.95
C THR B 296 17.18 -35.39 -8.61
N TYR B 297 17.46 -34.53 -9.58
CA TYR B 297 17.42 -33.09 -9.36
C TYR B 297 16.09 -32.41 -9.67
N ALA B 298 16.04 -31.11 -9.41
CA ALA B 298 14.84 -30.32 -9.67
C ALA B 298 15.15 -28.84 -9.84
N LEU B 299 14.18 -28.09 -10.35
CA LEU B 299 14.31 -26.65 -10.50
C LEU B 299 13.42 -26.09 -9.41
N GLU B 300 13.88 -25.05 -8.74
CA GLU B 300 13.07 -24.49 -7.69
C GLU B 300 12.88 -22.99 -7.76
N GLY B 301 11.69 -22.55 -7.36
CA GLY B 301 11.37 -21.14 -7.34
C GLY B 301 11.02 -20.85 -5.90
N SER B 302 11.83 -20.03 -5.24
CA SER B 302 11.57 -19.71 -3.85
C SER B 302 10.83 -18.40 -3.70
N LEU B 303 9.75 -18.42 -2.93
CA LEU B 303 8.97 -17.22 -2.71
C LEU B 303 8.91 -16.95 -1.22
N PHE B 304 9.83 -16.11 -0.76
CA PHE B 304 9.94 -15.74 0.66
C PHE B 304 8.62 -15.47 1.35
N VAL B 305 7.70 -14.77 0.67
CA VAL B 305 6.42 -14.45 1.31
C VAL B 305 5.22 -15.00 0.56
N ALA B 306 4.36 -15.68 1.32
CA ALA B 306 3.13 -16.27 0.76
C ALA B 306 1.90 -16.05 1.64
N GLY B 307 1.82 -16.88 2.70
CA GLY B 307 0.69 -16.74 3.63
C GLY B 307 0.91 -15.51 4.52
N ALA B 308 2.20 -15.22 4.77
CA ALA B 308 2.52 -14.06 5.56
C ALA B 308 1.87 -12.80 4.99
N ALA B 309 1.48 -12.88 3.73
CA ALA B 309 0.80 -11.77 3.08
C ALA B 309 -0.48 -11.51 3.87
N VAL B 310 -1.30 -12.55 4.01
CA VAL B 310 -2.54 -12.49 4.76
C VAL B 310 -2.16 -12.21 6.21
N GLY B 311 -1.11 -12.92 6.64
CA GLY B 311 -0.61 -12.77 7.99
C GLY B 311 -0.43 -11.29 8.32
N TRP B 312 0.28 -10.57 7.46
CA TRP B 312 0.47 -9.16 7.69
C TRP B 312 -0.88 -8.46 7.76
N LEU B 313 -1.79 -8.79 6.85
CA LEU B 313 -3.10 -8.16 6.84
C LEU B 313 -3.78 -8.32 8.18
N LYS B 314 -3.48 -9.43 8.86
CA LYS B 314 -4.05 -9.65 10.17
C LYS B 314 -3.37 -8.73 11.19
N GLU B 315 -2.04 -8.70 11.16
CA GLU B 315 -1.27 -7.88 12.08
C GLU B 315 -1.41 -6.37 11.85
N VAL B 316 -2.55 -5.96 11.33
CA VAL B 316 -2.82 -4.55 11.09
C VAL B 316 -4.32 -4.37 11.16
N GLY B 317 -5.02 -5.48 11.36
CA GLY B 317 -6.45 -5.46 11.50
C GLY B 317 -7.32 -5.34 10.26
N LEU B 318 -6.77 -5.60 9.07
CA LEU B 318 -7.58 -5.51 7.86
C LEU B 318 -8.54 -6.68 7.78
N ILE B 319 -8.27 -7.70 8.59
CA ILE B 319 -9.12 -8.89 8.71
C ILE B 319 -9.00 -9.28 10.18
N ARG B 320 -10.06 -9.83 10.76
CA ARG B 320 -10.04 -10.08 12.19
C ARG B 320 -9.24 -11.34 12.53
N GLU B 321 -9.81 -12.51 12.18
CA GLU B 321 -9.00 -13.72 12.20
C GLU B 321 -8.65 -14.19 10.79
N SER B 322 -7.57 -15.00 10.72
CA SER B 322 -6.92 -15.27 9.45
C SER B 322 -7.85 -15.87 8.38
N ALA B 323 -9.07 -16.26 8.80
CA ALA B 323 -9.92 -17.02 7.89
C ALA B 323 -10.77 -16.16 6.95
N GLU B 324 -11.29 -15.04 7.48
CA GLU B 324 -12.11 -14.17 6.64
C GLU B 324 -11.42 -13.81 5.32
N VAL B 325 -10.16 -14.20 5.20
CA VAL B 325 -9.37 -13.90 4.01
C VAL B 325 -10.16 -14.25 2.76
N GLU B 326 -10.75 -15.44 2.74
CA GLU B 326 -11.50 -15.85 1.57
C GLU B 326 -12.97 -15.52 1.59
N ALA B 327 -13.39 -14.65 2.50
CA ALA B 327 -14.80 -14.25 2.56
C ALA B 327 -14.87 -12.88 1.89
N LEU B 328 -13.93 -12.02 2.25
CA LEU B 328 -13.84 -10.68 1.70
C LEU B 328 -13.43 -10.76 0.24
N ALA B 329 -12.29 -11.41 0.00
CA ALA B 329 -11.77 -11.54 -1.34
C ALA B 329 -12.85 -12.12 -2.26
N ALA B 330 -13.69 -12.97 -1.68
CA ALA B 330 -14.76 -13.60 -2.42
C ALA B 330 -15.92 -12.64 -2.73
N SER B 331 -16.06 -11.58 -1.94
CA SER B 331 -17.16 -10.63 -2.14
C SER B 331 -16.95 -9.66 -3.29
N VAL B 332 -15.77 -9.70 -3.90
CA VAL B 332 -15.46 -8.81 -5.02
C VAL B 332 -14.90 -9.60 -6.21
N GLU B 333 -15.32 -9.25 -7.42
CA GLU B 333 -14.86 -9.95 -8.60
C GLU B 333 -13.40 -9.63 -8.95
N ASP B 334 -12.97 -8.41 -8.68
CA ASP B 334 -11.60 -8.01 -8.97
C ASP B 334 -11.05 -7.23 -7.79
N THR B 335 -9.95 -6.52 -7.99
CA THR B 335 -9.35 -5.75 -6.92
C THR B 335 -9.43 -4.25 -7.19
N GLY B 336 -10.06 -3.89 -8.30
CA GLY B 336 -10.19 -2.49 -8.67
C GLY B 336 -8.93 -1.90 -9.28
N ASP B 337 -8.05 -2.78 -9.73
CA ASP B 337 -6.76 -2.44 -10.34
C ASP B 337 -5.73 -2.22 -9.25
N VAL B 338 -5.94 -2.88 -8.12
CA VAL B 338 -5.02 -2.79 -7.01
C VAL B 338 -4.07 -3.99 -7.06
N TYR B 339 -2.81 -3.75 -6.70
CA TYR B 339 -1.81 -4.79 -6.72
C TYR B 339 -0.98 -4.69 -5.47
N PHE B 340 -0.81 -5.83 -4.81
CA PHE B 340 -0.06 -5.87 -3.59
C PHE B 340 1.15 -6.78 -3.78
N VAL B 341 2.34 -6.18 -3.77
CA VAL B 341 3.58 -6.94 -3.92
C VAL B 341 4.12 -7.13 -2.51
N PRO B 342 3.89 -8.32 -1.92
CA PRO B 342 4.26 -8.78 -0.57
C PRO B 342 5.74 -8.98 -0.23
N ALA B 343 6.63 -8.33 -0.98
CA ALA B 343 8.07 -8.50 -0.75
C ALA B 343 8.60 -7.85 0.53
N PHE B 344 8.08 -8.26 1.69
CA PHE B 344 8.55 -7.68 2.95
C PHE B 344 10.07 -7.76 3.09
N THR B 345 10.60 -8.98 3.09
CA THR B 345 12.03 -9.19 3.24
C THR B 345 12.69 -9.28 1.88
N GLY B 346 12.30 -8.41 0.96
CA GLY B 346 13.02 -8.49 -0.30
C GLY B 346 12.30 -9.42 -1.29
N LEU B 347 12.92 -9.61 -2.47
CA LEU B 347 12.28 -10.44 -3.48
C LEU B 347 13.01 -11.76 -3.72
N GLY B 348 12.23 -12.83 -3.94
CA GLY B 348 12.83 -14.13 -4.18
C GLY B 348 13.03 -14.38 -5.69
N ALA B 349 12.27 -15.36 -6.20
CA ALA B 349 12.43 -15.75 -7.60
C ALA B 349 11.35 -15.14 -8.51
N PRO B 350 11.71 -14.92 -9.79
CA PRO B 350 13.06 -15.14 -10.26
C PRO B 350 13.84 -13.82 -10.27
N TYR B 351 13.41 -12.90 -9.38
CA TYR B 351 14.01 -11.57 -9.36
C TYR B 351 15.30 -11.52 -8.52
N TRP B 352 15.23 -12.15 -7.33
CA TRP B 352 16.35 -12.07 -6.38
C TRP B 352 16.87 -10.64 -6.21
N ASP B 353 15.98 -9.80 -5.68
CA ASP B 353 16.29 -8.40 -5.39
C ASP B 353 16.13 -8.21 -3.89
N PRO B 354 17.25 -8.04 -3.18
CA PRO B 354 17.23 -7.85 -1.73
C PRO B 354 16.64 -6.51 -1.30
N TYR B 355 16.57 -5.56 -2.22
CA TYR B 355 16.10 -4.24 -1.86
C TYR B 355 14.64 -3.93 -2.14
N ALA B 356 13.86 -4.96 -2.50
CA ALA B 356 12.45 -4.80 -2.78
C ALA B 356 11.69 -4.86 -1.46
N ARG B 357 10.54 -4.21 -1.40
CA ARG B 357 9.74 -4.20 -0.18
C ARG B 357 8.25 -4.28 -0.52
N GLY B 358 7.44 -4.51 0.52
CA GLY B 358 6.01 -4.61 0.35
C GLY B 358 5.45 -3.35 -0.28
N THR B 359 4.71 -3.53 -1.36
CA THR B 359 4.15 -2.42 -2.11
C THR B 359 2.67 -2.59 -2.50
N LEU B 360 1.88 -1.53 -2.33
CA LEU B 360 0.48 -1.54 -2.71
C LEU B 360 0.36 -0.56 -3.86
N LEU B 361 -0.48 -0.85 -4.83
CA LEU B 361 -0.61 0.03 -5.98
C LEU B 361 -2.04 0.22 -6.48
N GLY B 362 -2.31 1.41 -7.01
CA GLY B 362 -3.60 1.72 -7.57
C GLY B 362 -4.74 1.92 -6.61
N LEU B 363 -4.44 2.38 -5.40
CA LEU B 363 -5.48 2.63 -4.41
C LEU B 363 -6.28 3.85 -4.84
N THR B 364 -7.59 3.79 -4.63
CA THR B 364 -8.48 4.89 -4.99
C THR B 364 -9.47 5.08 -3.84
N ARG B 365 -10.17 6.20 -3.82
CA ARG B 365 -11.10 6.49 -2.74
C ARG B 365 -12.01 5.29 -2.43
N GLY B 366 -12.16 4.41 -3.45
CA GLY B 366 -13.10 3.30 -3.33
C GLY B 366 -12.41 1.96 -3.03
N THR B 367 -11.06 1.95 -3.05
CA THR B 367 -10.39 0.73 -2.63
C THR B 367 -10.88 0.29 -1.24
N SER B 368 -11.27 -1.00 -1.14
CA SER B 368 -11.81 -1.46 0.12
C SER B 368 -11.05 -2.67 0.66
N ARG B 369 -11.55 -3.21 1.76
CA ARG B 369 -10.95 -4.36 2.42
C ARG B 369 -11.06 -5.63 1.60
N ALA B 370 -12.20 -5.79 0.94
CA ALA B 370 -12.41 -6.96 0.10
C ALA B 370 -11.31 -6.93 -0.96
N HIS B 371 -11.14 -5.75 -1.56
CA HIS B 371 -10.14 -5.52 -2.59
C HIS B 371 -8.71 -5.81 -2.13
N LEU B 372 -8.35 -5.34 -0.94
CA LEU B 372 -7.00 -5.56 -0.41
C LEU B 372 -6.79 -7.03 -0.12
N ALA B 373 -7.85 -7.70 0.31
CA ALA B 373 -7.81 -9.10 0.64
C ALA B 373 -7.58 -9.90 -0.63
N ARG B 374 -8.27 -9.52 -1.70
CA ARG B 374 -8.12 -10.22 -2.96
C ARG B 374 -6.73 -9.94 -3.52
N ALA B 375 -6.28 -8.70 -3.40
CA ALA B 375 -4.95 -8.34 -3.88
C ALA B 375 -3.86 -9.20 -3.22
N ALA B 376 -3.96 -9.37 -1.90
CA ALA B 376 -2.97 -10.18 -1.21
C ALA B 376 -2.94 -11.58 -1.78
N LEU B 377 -4.10 -12.14 -2.07
CA LEU B 377 -4.13 -13.49 -2.64
C LEU B 377 -3.55 -13.53 -4.05
N GLU B 378 -3.92 -12.55 -4.88
CA GLU B 378 -3.41 -12.54 -6.24
C GLU B 378 -1.89 -12.44 -6.23
N GLY B 379 -1.36 -11.53 -5.43
CA GLY B 379 0.08 -11.36 -5.36
C GLY B 379 0.80 -12.68 -5.26
N VAL B 380 0.39 -13.52 -4.32
CA VAL B 380 1.01 -14.81 -4.13
C VAL B 380 0.92 -15.63 -5.43
N ALA B 381 -0.26 -15.62 -6.06
CA ALA B 381 -0.44 -16.39 -7.29
C ALA B 381 0.40 -15.81 -8.43
N PHE B 382 0.42 -14.50 -8.54
CA PHE B 382 1.21 -13.84 -9.59
C PHE B 382 2.68 -14.20 -9.49
N GLN B 383 3.17 -14.32 -8.26
CA GLN B 383 4.57 -14.67 -8.04
C GLN B 383 4.82 -16.09 -8.50
N VAL B 384 3.87 -16.96 -8.22
CA VAL B 384 4.00 -18.34 -8.63
C VAL B 384 4.06 -18.38 -10.16
N ARG B 385 3.25 -17.56 -10.83
CA ARG B 385 3.27 -17.54 -12.28
C ARG B 385 4.61 -17.07 -12.79
N ASP B 386 5.18 -16.06 -12.12
CA ASP B 386 6.50 -15.56 -12.53
C ASP B 386 7.48 -16.70 -12.62
N VAL B 387 7.39 -17.59 -11.64
CA VAL B 387 8.27 -18.72 -11.57
C VAL B 387 7.89 -19.80 -12.57
N VAL B 388 6.59 -20.04 -12.71
CA VAL B 388 6.11 -21.05 -13.64
C VAL B 388 6.50 -20.68 -15.07
N LEU B 389 6.40 -19.39 -15.39
CA LEU B 389 6.76 -18.92 -16.72
C LEU B 389 8.27 -18.98 -16.88
N ALA B 390 8.99 -18.73 -15.79
CA ALA B 390 10.45 -18.76 -15.83
C ALA B 390 10.94 -20.17 -16.10
N MET B 391 10.33 -21.15 -15.44
CA MET B 391 10.70 -22.55 -15.61
C MET B 391 10.30 -23.06 -17.00
N GLU B 392 9.20 -22.54 -17.51
CA GLU B 392 8.73 -22.95 -18.82
C GLU B 392 9.84 -22.73 -19.85
N GLU B 393 10.51 -21.59 -19.81
CA GLU B 393 11.55 -21.44 -20.84
C GLU B 393 12.96 -21.74 -20.35
N GLU B 394 13.15 -21.67 -19.02
CA GLU B 394 14.41 -22.18 -18.50
C GLU B 394 14.45 -23.70 -18.72
N ALA B 395 14.67 -24.05 -20.00
CA ALA B 395 14.84 -25.44 -20.37
C ALA B 395 13.60 -26.31 -20.12
N GLY B 396 12.69 -26.35 -21.11
CA GLY B 396 11.72 -27.44 -21.06
C GLY B 396 10.41 -27.16 -21.79
N VAL B 397 9.39 -27.91 -21.33
CA VAL B 397 8.07 -27.81 -21.91
C VAL B 397 7.12 -26.98 -21.05
N ARG B 398 5.89 -26.95 -21.57
CA ARG B 398 4.77 -26.32 -20.90
C ARG B 398 4.33 -27.15 -19.69
N LEU B 399 3.97 -26.43 -18.61
CA LEU B 399 3.46 -27.12 -17.44
C LEU B 399 1.98 -27.47 -17.62
N LYS B 400 1.68 -28.76 -17.72
CA LYS B 400 0.31 -29.23 -17.93
C LYS B 400 -0.57 -29.15 -16.69
N VAL B 401 0.02 -29.34 -15.52
CA VAL B 401 -0.75 -29.28 -14.28
C VAL B 401 0.12 -28.85 -13.10
N LEU B 402 -0.48 -28.17 -12.14
CA LEU B 402 0.30 -27.81 -10.98
C LEU B 402 -0.38 -28.28 -9.70
N LYS B 403 0.40 -29.13 -9.01
CA LYS B 403 -0.03 -29.75 -7.77
C LYS B 403 0.23 -28.81 -6.61
N ALA B 404 -0.71 -28.73 -5.69
CA ALA B 404 -0.59 -27.85 -4.54
C ALA B 404 -0.85 -28.54 -3.20
N ASP B 405 -0.25 -27.98 -2.15
CA ASP B 405 -0.41 -28.48 -0.80
C ASP B 405 0.21 -27.44 0.12
N GLY B 406 -0.09 -27.52 1.41
CA GLY B 406 0.44 -26.55 2.35
C GLY B 406 -0.69 -25.76 2.98
N GLY B 407 -0.35 -24.95 3.98
CA GLY B 407 -1.34 -24.16 4.68
C GLY B 407 -2.33 -23.33 3.88
N MET B 408 -1.89 -22.70 2.79
CA MET B 408 -2.79 -21.88 1.98
C MET B 408 -3.72 -22.69 1.08
N ALA B 409 -3.29 -23.86 0.67
CA ALA B 409 -4.09 -24.72 -0.19
C ALA B 409 -5.48 -24.95 0.39
N GLN B 410 -5.61 -24.79 1.71
CA GLN B 410 -6.90 -25.00 2.37
C GLN B 410 -7.93 -23.96 1.96
N ASN B 411 -7.46 -22.88 1.35
CA ASN B 411 -8.32 -21.80 0.88
C ASN B 411 -8.69 -22.15 -0.56
N ARG B 412 -9.91 -22.65 -0.74
CA ARG B 412 -10.36 -23.05 -2.06
C ARG B 412 -10.33 -21.89 -3.05
N LEU B 413 -10.83 -20.75 -2.62
CA LEU B 413 -10.86 -19.57 -3.45
C LEU B 413 -9.46 -19.30 -3.98
N PHE B 414 -8.49 -19.15 -3.08
CA PHE B 414 -7.12 -18.90 -3.50
C PHE B 414 -6.67 -19.79 -4.67
N LEU B 415 -6.93 -21.09 -4.55
CA LEU B 415 -6.53 -22.02 -5.61
C LEU B 415 -7.22 -21.75 -6.94
N LYS B 416 -8.49 -21.35 -6.90
CA LYS B 416 -9.22 -21.07 -8.12
C LYS B 416 -8.54 -19.86 -8.78
N ILE B 417 -8.15 -18.90 -7.95
CA ILE B 417 -7.46 -17.71 -8.43
C ILE B 417 -6.13 -18.13 -9.03
N GLN B 418 -5.42 -19.03 -8.36
CA GLN B 418 -4.14 -19.51 -8.86
C GLN B 418 -4.34 -20.09 -10.25
N ALA B 419 -5.31 -20.98 -10.38
CA ALA B 419 -5.62 -21.60 -11.66
C ALA B 419 -5.93 -20.57 -12.74
N ASP B 420 -6.81 -19.61 -12.43
CA ASP B 420 -7.19 -18.59 -13.40
C ASP B 420 -6.01 -17.73 -13.84
N LEU B 421 -5.18 -17.32 -12.88
CA LEU B 421 -4.08 -16.44 -13.26
C LEU B 421 -2.94 -17.22 -13.93
N LEU B 422 -2.92 -18.54 -13.74
CA LEU B 422 -1.92 -19.40 -14.37
C LEU B 422 -2.46 -19.93 -15.69
N GLY B 423 -3.79 -20.03 -15.78
CA GLY B 423 -4.40 -20.56 -16.99
C GLY B 423 -4.07 -22.04 -17.07
N VAL B 424 -3.94 -22.66 -15.90
CA VAL B 424 -3.58 -24.07 -15.83
C VAL B 424 -4.21 -24.74 -14.61
N PRO B 425 -4.71 -25.97 -14.80
CA PRO B 425 -5.34 -26.73 -13.71
C PRO B 425 -4.43 -26.86 -12.48
N VAL B 426 -5.04 -26.81 -11.31
CA VAL B 426 -4.33 -26.92 -10.05
C VAL B 426 -4.99 -28.06 -9.27
N ALA B 427 -4.19 -29.05 -8.89
CA ALA B 427 -4.70 -30.22 -8.18
C ALA B 427 -4.22 -30.39 -6.76
N VAL B 428 -5.09 -30.94 -5.91
CA VAL B 428 -4.80 -31.17 -4.51
C VAL B 428 -4.91 -32.68 -4.26
N PRO B 429 -4.14 -33.20 -3.29
CA PRO B 429 -4.19 -34.63 -3.03
C PRO B 429 -5.19 -34.96 -1.94
N GLU B 430 -5.47 -36.25 -1.76
CA GLU B 430 -6.39 -36.69 -0.72
C GLU B 430 -5.71 -36.62 0.65
N VAL B 431 -4.40 -36.73 0.65
CA VAL B 431 -3.62 -36.65 1.88
C VAL B 431 -3.03 -35.24 1.87
N THR B 432 -3.60 -34.34 2.65
CA THR B 432 -3.12 -32.95 2.68
C THR B 432 -1.76 -32.75 3.30
N GLU B 433 -1.50 -33.39 4.43
CA GLU B 433 -0.19 -33.25 5.09
C GLU B 433 0.85 -33.91 4.20
N THR B 434 1.15 -33.28 3.06
CA THR B 434 2.11 -33.79 2.10
C THR B 434 3.58 -33.75 2.49
N THR B 435 4.01 -32.66 3.11
CA THR B 435 5.40 -32.62 3.52
C THR B 435 5.71 -33.82 4.39
N ALA B 436 4.77 -34.07 5.31
CA ALA B 436 4.89 -35.19 6.21
C ALA B 436 4.92 -36.52 5.47
N LEU B 437 3.89 -36.73 4.62
CA LEU B 437 3.84 -37.99 3.90
C LEU B 437 5.12 -38.23 3.10
N GLY B 438 5.60 -37.14 2.47
CA GLY B 438 6.86 -37.23 1.77
C GLY B 438 7.95 -37.80 2.67
N ALA B 439 8.02 -37.28 3.91
CA ALA B 439 9.02 -37.77 4.84
C ALA B 439 8.85 -39.26 5.14
N ALA B 440 7.72 -39.61 5.74
CA ALA B 440 7.38 -40.99 6.08
C ALA B 440 7.69 -41.97 4.98
N LEU B 441 7.19 -41.70 3.78
CA LEU B 441 7.42 -42.59 2.65
C LEU B 441 8.89 -42.79 2.37
N MET B 442 9.65 -41.70 2.35
CA MET B 442 11.09 -41.79 2.09
C MET B 442 11.72 -42.74 3.10
N ALA B 443 11.22 -42.71 4.33
CA ALA B 443 11.71 -43.57 5.40
C ALA B 443 11.38 -45.01 5.05
N GLY B 444 10.09 -45.30 4.86
CA GLY B 444 9.70 -46.64 4.51
C GLY B 444 10.42 -47.16 3.29
N VAL B 445 10.92 -46.26 2.44
CA VAL B 445 11.64 -46.65 1.23
C VAL B 445 13.06 -47.08 1.55
N GLY B 446 13.69 -46.33 2.44
CA GLY B 446 15.05 -46.65 2.83
C GLY B 446 15.08 -47.93 3.64
N ALA B 447 13.97 -48.23 4.30
CA ALA B 447 13.86 -49.43 5.13
C ALA B 447 13.38 -50.65 4.34
N GLY B 448 13.49 -50.60 3.02
CA GLY B 448 13.07 -51.72 2.20
C GLY B 448 11.58 -52.04 2.14
N ALA B 449 10.79 -51.39 2.99
CA ALA B 449 9.35 -51.63 3.00
C ALA B 449 8.72 -51.34 1.63
N LEU B 450 8.76 -50.08 1.22
CA LEU B 450 8.19 -49.68 -0.06
C LEU B 450 9.25 -49.09 -0.99
N SER B 451 9.03 -49.28 -2.29
CA SER B 451 9.94 -48.76 -3.31
C SER B 451 9.27 -47.52 -3.91
N PRO B 452 10.03 -46.71 -4.65
CA PRO B 452 9.42 -45.50 -5.23
C PRO B 452 8.15 -45.79 -6.06
N GLU B 453 8.17 -46.86 -6.84
CA GLU B 453 7.03 -47.24 -7.66
C GLU B 453 5.81 -47.59 -6.81
N ASP B 454 6.07 -47.70 -5.49
CA ASP B 454 4.99 -47.95 -4.55
C ASP B 454 4.31 -46.65 -4.12
N VAL B 455 4.95 -45.54 -4.52
CA VAL B 455 4.49 -44.23 -4.09
C VAL B 455 3.65 -43.56 -5.17
N ALA B 456 4.00 -43.90 -6.43
CA ALA B 456 3.27 -43.34 -7.56
C ALA B 456 1.88 -43.96 -7.70
N GLY B 457 1.79 -45.29 -7.76
CA GLY B 457 0.51 -45.94 -7.94
C GLY B 457 -0.32 -45.95 -6.67
N ARG B 458 0.18 -45.26 -5.65
CA ARG B 458 -0.50 -45.18 -4.36
C ARG B 458 -0.97 -43.74 -4.13
N PHE B 459 -0.49 -42.83 -4.97
CA PHE B 459 -0.87 -41.43 -4.88
C PHE B 459 -2.29 -41.26 -5.37
N ARG B 460 -3.04 -40.36 -4.75
CA ARG B 460 -4.42 -40.14 -5.12
C ARG B 460 -4.80 -38.65 -5.19
N GLU B 461 -5.41 -38.23 -6.30
CA GLU B 461 -5.83 -36.84 -6.48
C GLU B 461 -7.22 -36.63 -5.90
N ALA B 462 -7.37 -35.66 -5.01
CA ALA B 462 -8.66 -35.40 -4.39
C ALA B 462 -9.52 -34.55 -5.32
N GLU B 463 -8.97 -33.41 -5.73
CA GLU B 463 -9.66 -32.49 -6.62
C GLU B 463 -8.66 -31.75 -7.48
N ARG B 464 -9.17 -30.76 -8.18
CA ARG B 464 -8.38 -29.90 -9.03
C ARG B 464 -9.29 -28.74 -9.40
N PHE B 465 -8.69 -27.58 -9.59
CA PHE B 465 -9.47 -26.42 -9.97
C PHE B 465 -9.07 -26.06 -11.39
N LEU B 466 -10.08 -25.85 -12.23
CA LEU B 466 -9.91 -25.55 -13.64
C LEU B 466 -9.93 -24.05 -13.89
N PRO B 467 -9.19 -23.61 -14.92
CA PRO B 467 -9.12 -22.19 -15.27
C PRO B 467 -10.35 -21.76 -16.06
N THR B 468 -11.14 -20.86 -15.49
CA THR B 468 -12.32 -20.39 -16.20
C THR B 468 -12.14 -18.99 -16.77
N MET B 469 -10.98 -18.39 -16.51
CA MET B 469 -10.70 -17.05 -16.99
C MET B 469 -10.14 -17.00 -18.41
N PRO B 470 -10.80 -16.25 -19.30
CA PRO B 470 -10.32 -16.16 -20.68
C PRO B 470 -8.90 -15.58 -20.82
N GLU B 471 -8.21 -16.01 -21.88
CA GLU B 471 -6.84 -15.57 -22.16
C GLU B 471 -6.61 -14.06 -22.10
N GLY B 472 -7.50 -13.30 -22.75
CA GLY B 472 -7.38 -11.85 -22.75
C GLY B 472 -7.23 -11.30 -21.35
N ARG B 473 -8.17 -11.67 -20.48
CA ARG B 473 -8.18 -11.23 -19.08
C ARG B 473 -6.91 -11.62 -18.31
N ARG B 474 -6.53 -12.88 -18.41
CA ARG B 474 -5.35 -13.36 -17.70
C ARG B 474 -4.12 -12.50 -18.01
N GLU B 475 -3.86 -12.29 -19.28
CA GLU B 475 -2.70 -11.53 -19.67
C GLU B 475 -2.73 -10.05 -19.29
N ALA B 476 -3.91 -9.43 -19.30
CA ALA B 476 -3.98 -8.02 -18.94
C ALA B 476 -3.56 -7.91 -17.49
N LEU B 477 -4.09 -8.80 -16.65
CA LEU B 477 -3.74 -8.80 -15.24
C LEU B 477 -2.25 -9.00 -15.07
N TYR B 478 -1.67 -9.96 -15.78
CA TYR B 478 -0.24 -10.21 -15.68
C TYR B 478 0.58 -8.97 -16.02
N ARG B 479 0.18 -8.23 -17.04
CA ARG B 479 0.92 -7.02 -17.40
C ARG B 479 0.86 -6.01 -16.26
N ARG B 480 -0.27 -5.99 -15.55
CA ARG B 480 -0.42 -5.06 -14.43
C ARG B 480 0.52 -5.44 -13.31
N TRP B 481 0.48 -6.72 -12.95
CA TRP B 481 1.33 -7.25 -11.88
C TRP B 481 2.81 -7.07 -12.14
N ARG B 482 3.24 -7.34 -13.36
CA ARG B 482 4.62 -7.19 -13.73
C ARG B 482 5.04 -5.73 -13.65
N GLU B 483 4.08 -4.84 -13.84
CA GLU B 483 4.42 -3.43 -13.78
C GLU B 483 4.47 -3.11 -12.30
N ALA B 484 3.59 -3.74 -11.53
CA ALA B 484 3.56 -3.54 -10.09
C ALA B 484 4.90 -3.95 -9.47
N VAL B 485 5.42 -5.10 -9.89
CA VAL B 485 6.68 -5.60 -9.35
C VAL B 485 7.84 -4.66 -9.68
N GLU B 486 7.78 -4.02 -10.84
CA GLU B 486 8.83 -3.07 -11.22
C GLU B 486 8.89 -1.87 -10.28
N ARG B 487 7.81 -1.60 -9.55
CA ARG B 487 7.82 -0.46 -8.64
C ARG B 487 8.10 -0.80 -7.18
N ALA B 488 8.29 -2.08 -6.90
CA ALA B 488 8.61 -2.49 -5.56
C ALA B 488 10.12 -2.65 -5.49
N LYS B 489 10.71 -2.98 -6.64
CA LYS B 489 12.16 -3.20 -6.71
C LYS B 489 13.04 -2.05 -6.32
N GLY B 490 14.10 -2.37 -5.58
CA GLY B 490 15.06 -1.38 -5.16
C GLY B 490 14.64 -0.31 -4.20
N TRP B 491 13.57 -0.53 -3.44
CA TRP B 491 13.14 0.51 -2.51
C TRP B 491 14.18 0.79 -1.45
N ALA B 492 14.66 -0.25 -0.77
CA ALA B 492 15.67 -0.07 0.26
C ALA B 492 16.85 0.67 -0.33
N ARG B 493 17.24 1.77 0.34
CA ARG B 493 18.34 2.64 -0.08
C ARG B 493 19.47 1.99 -0.88
N GLU B 494 19.61 0.68 -0.77
CA GLU B 494 20.66 -0.06 -1.47
C GLU B 494 22.00 0.08 -0.77
#